data_6HCW
#
_entry.id   6HCW
#
_cell.length_a   116.514
_cell.length_b   142.650
_cell.length_c   72.939
_cell.angle_alpha   90.000
_cell.angle_beta   90.000
_cell.angle_gamma   90.000
#
_symmetry.space_group_name_H-M   'P 21 21 2'
#
loop_
_entity.id
_entity.type
_entity.pdbx_description
1 polymer 'Lysine--tRNA ligase'
2 non-polymer LYSINE
3 non-polymer ~{N}-[[4,4-bis(fluoranyl)-1-oxidanyl-cyclohexyl]methyl]-6-fluoranyl-4-oxidanylidene-chromene-2-carboxamide
4 non-polymer 2-AMINO-2-HYDROXYMETHYL-PROPANE-1,3-DIOL
5 water water
#
_entity_poly.entity_id   1
_entity_poly.type   'polypeptide(L)'
_entity_poly.pdbx_seq_one_letter_code
;MAHHHHHHMGTLEAQTQGPGSHYTDNRYKMMECIKDAGRPFYPHKFKISMSLPAYALKYGNVENGYIDKDTTLSLSGRVT
SIRSSSSKLIFYDIFCEEQKVQIIANIMEHDISTGEFSVSHSEIRRGDVVGFTGFPGKSKRGELSLFSKSVVLLSPCYHM
LPTAISGLKDQEVRYRQRYLDLMLNEESRKVFKLRSRAIKYIRNYFDRLGFLEVETPMLNMIYGGAAARPFITYHNELET
QLYMRIAPELYLKQLIVGGLDKVYEIGKNFRNEGIDLTHNPEFTAMEFYMAYADYYDLMDLTEELISGLVLEIHGSLKIP
YHPDGPEGKCIEIDFTTPWKRFSFVEEIESGLGEKLKRPLDSQENIDFMVEMCEKHEIELPHPRTAAKLLDKLAGHFVET
KCTNPSFIIDHPQTMSPLAKWHREKPEMTERFELFVLGKELCNAYTELNEPLQQRKFFEQQADAKASGDVEACPIDETFC
LALEHGLPPTGGWGLGIDRLIMFLADKNNIKEVILFPAMRNVKQNAQHSNQHSGN
;
_entity_poly.pdbx_strand_id   A,B
#
# COMPACT_ATOMS: atom_id res chain seq x y z
N SER A 21 35.84 15.42 -13.24
CA SER A 21 35.67 13.95 -13.47
C SER A 21 35.93 13.48 -14.94
N HIS A 22 37.22 13.56 -15.21
CA HIS A 22 37.88 12.67 -16.11
C HIS A 22 37.52 11.21 -15.71
N TYR A 23 37.28 10.91 -14.40
CA TYR A 23 37.03 9.49 -14.02
C TYR A 23 35.83 8.84 -14.79
N THR A 24 34.69 9.51 -14.81
CA THR A 24 33.51 8.99 -15.50
C THR A 24 33.74 8.81 -17.00
N ASP A 25 34.23 9.88 -17.65
CA ASP A 25 34.64 9.80 -19.05
C ASP A 25 35.59 8.64 -19.40
N ASN A 26 36.64 8.48 -18.61
CA ASN A 26 37.61 7.43 -18.84
C ASN A 26 37.00 6.08 -18.62
N ARG A 27 36.06 5.98 -17.67
CA ARG A 27 35.46 4.65 -17.51
C ARG A 27 34.58 4.31 -18.68
N TYR A 28 33.83 5.27 -19.23
CA TYR A 28 33.07 5.01 -20.45
C TYR A 28 33.97 4.56 -21.60
N LYS A 29 35.15 5.16 -21.68
CA LYS A 29 36.14 4.78 -22.71
C LYS A 29 36.67 3.40 -22.43
N MET A 30 36.99 3.09 -21.16
CA MET A 30 37.45 1.74 -20.82
C MET A 30 36.41 0.73 -21.26
N MET A 31 35.13 1.01 -21.05
CA MET A 31 34.08 0.06 -21.36
C MET A 31 33.88 -0.17 -22.85
N GLU A 32 34.05 0.91 -23.65
CA GLU A 32 33.90 0.80 -25.09
C GLU A 32 35.12 0.00 -25.60
N CYS A 33 36.27 0.19 -24.97
CA CYS A 33 37.49 -0.59 -25.22
C CYS A 33 37.25 -2.09 -25.06
N ILE A 34 36.72 -2.45 -23.88
CA ILE A 34 36.43 -3.84 -23.53
C ILE A 34 35.47 -4.38 -24.54
N LYS A 35 34.41 -3.64 -24.85
CA LYS A 35 33.35 -4.05 -25.78
C LYS A 35 33.97 -4.40 -27.14
N ASP A 36 34.85 -3.50 -27.61
CA ASP A 36 35.42 -3.61 -28.96
C ASP A 36 36.56 -4.64 -28.94
N ALA A 37 37.09 -4.99 -27.77
CA ALA A 37 38.14 -6.01 -27.69
C ALA A 37 37.55 -7.44 -27.62
N GLY A 38 36.24 -7.57 -27.73
CA GLY A 38 35.58 -8.85 -27.62
C GLY A 38 35.66 -9.45 -26.21
N ARG A 39 35.91 -8.60 -25.22
CA ARG A 39 35.97 -9.04 -23.81
C ARG A 39 34.56 -8.96 -23.18
N PRO A 40 34.36 -9.66 -22.02
CA PRO A 40 33.02 -9.69 -21.42
C PRO A 40 32.48 -8.31 -21.15
N PHE A 41 31.28 -8.07 -21.68
CA PHE A 41 30.67 -6.75 -21.65
C PHE A 41 29.27 -6.88 -21.12
N TYR A 42 29.09 -6.52 -19.85
CA TYR A 42 27.80 -6.64 -19.22
C TYR A 42 27.07 -7.99 -19.39
N PRO A 43 27.68 -9.09 -18.91
CA PRO A 43 27.09 -10.41 -19.03
C PRO A 43 25.66 -10.41 -18.49
N HIS A 44 24.80 -11.15 -19.15
CA HIS A 44 23.39 -11.16 -18.83
C HIS A 44 23.08 -11.89 -17.53
N LYS A 45 23.75 -13.02 -17.31
CA LYS A 45 23.46 -13.91 -16.20
C LYS A 45 24.74 -14.37 -15.57
N PHE A 46 24.88 -14.13 -14.25
CA PHE A 46 25.95 -14.72 -13.48
C PHE A 46 25.29 -15.62 -12.46
N LYS A 47 25.63 -16.90 -12.50
CA LYS A 47 25.00 -17.85 -11.59
C LYS A 47 25.81 -18.03 -10.32
N ILE A 48 25.34 -17.46 -9.21
CA ILE A 48 26.05 -17.63 -7.92
C ILE A 48 25.74 -19.01 -7.38
N SER A 49 26.68 -19.55 -6.69
CA SER A 49 26.51 -20.82 -5.95
C SER A 49 25.73 -20.64 -4.67
N MET A 50 25.89 -19.51 -3.99
CA MET A 50 25.19 -19.18 -2.78
C MET A 50 25.42 -17.70 -2.54
N SER A 51 24.60 -17.14 -1.66
CA SER A 51 24.69 -15.76 -1.26
C SER A 51 25.95 -15.55 -0.38
N LEU A 52 26.36 -14.31 -0.22
CA LEU A 52 27.52 -14.06 0.69
C LEU A 52 27.17 -14.43 2.16
N PRO A 53 25.93 -14.08 2.65
CA PRO A 53 25.56 -14.61 3.98
C PRO A 53 25.62 -16.08 4.11
N ALA A 54 25.16 -16.80 3.10
CA ALA A 54 25.21 -18.29 3.13
C ALA A 54 26.65 -18.78 3.18
N TYR A 55 27.50 -18.14 2.39
CA TYR A 55 28.91 -18.50 2.32
C TYR A 55 29.56 -18.27 3.68
N ALA A 56 29.27 -17.17 4.35
CA ALA A 56 29.82 -16.95 5.67
C ALA A 56 29.26 -17.91 6.72
N LEU A 57 27.99 -18.25 6.62
CA LEU A 57 27.45 -19.32 7.52
C LEU A 57 28.14 -20.65 7.29
N LYS A 58 28.37 -21.05 6.05
CA LYS A 58 28.96 -22.32 5.76
C LYS A 58 30.45 -22.40 6.12
N TYR A 59 31.23 -21.36 5.82
CA TYR A 59 32.68 -21.42 5.89
C TYR A 59 33.28 -20.52 6.97
N GLY A 60 32.51 -19.71 7.60
CA GLY A 60 33.08 -18.75 8.59
C GLY A 60 33.84 -19.33 9.78
N ASN A 61 33.55 -20.58 10.10
CA ASN A 61 34.20 -21.25 11.22
C ASN A 61 35.22 -22.31 10.87
N VAL A 62 35.69 -22.39 9.64
CA VAL A 62 36.75 -23.33 9.25
C VAL A 62 38.06 -22.85 9.93
N GLU A 63 39.02 -23.74 9.97
CA GLU A 63 40.33 -23.44 10.56
C GLU A 63 41.08 -22.39 9.73
N ASN A 64 41.93 -21.61 10.39
CA ASN A 64 42.80 -20.76 9.60
C ASN A 64 43.61 -21.57 8.61
N GLY A 65 43.71 -21.05 7.37
CA GLY A 65 44.43 -21.67 6.31
C GLY A 65 43.66 -22.79 5.63
N TYR A 66 42.41 -23.05 6.04
CA TYR A 66 41.68 -24.14 5.37
C TYR A 66 41.37 -23.77 3.93
N ILE A 67 41.47 -24.72 3.02
CA ILE A 67 41.02 -24.54 1.64
C ILE A 67 40.39 -25.87 1.19
N ASP A 68 39.26 -25.79 0.53
CA ASP A 68 38.67 -27.00 -0.13
C ASP A 68 38.84 -26.90 -1.62
N LYS A 69 39.92 -27.49 -2.12
CA LYS A 69 40.23 -27.62 -3.57
C LYS A 69 39.27 -28.55 -4.33
N ASP A 70 38.42 -29.28 -3.64
CA ASP A 70 37.47 -30.13 -4.34
C ASP A 70 36.14 -29.46 -4.55
N THR A 71 35.96 -28.19 -4.10
CA THR A 71 34.70 -27.52 -4.25
C THR A 71 34.97 -26.19 -4.97
N THR A 72 34.25 -25.96 -6.06
CA THR A 72 34.34 -24.74 -6.87
C THR A 72 33.03 -24.03 -6.79
N LEU A 73 33.10 -22.73 -6.43
CA LEU A 73 31.95 -21.98 -6.14
C LEU A 73 32.06 -20.62 -6.78
N SER A 74 30.93 -20.09 -7.16
CA SER A 74 30.80 -18.72 -7.73
C SER A 74 30.09 -17.76 -6.78
N LEU A 75 30.68 -16.56 -6.60
CA LEU A 75 30.16 -15.56 -5.67
C LEU A 75 30.17 -14.21 -6.38
N SER A 76 29.35 -13.29 -5.89
CA SER A 76 29.31 -11.95 -6.44
C SER A 76 28.95 -10.92 -5.44
N GLY A 77 29.46 -9.71 -5.64
CA GLY A 77 29.09 -8.57 -4.82
C GLY A 77 29.69 -7.32 -5.33
N ARG A 78 29.58 -6.26 -4.58
CA ARG A 78 30.21 -4.99 -5.00
C ARG A 78 31.59 -4.90 -4.39
N VAL A 79 32.59 -4.54 -5.17
CA VAL A 79 33.95 -4.42 -4.68
C VAL A 79 34.12 -3.19 -3.76
N THR A 80 34.50 -3.45 -2.51
CA THR A 80 34.78 -2.36 -1.56
C THR A 80 36.24 -2.07 -1.39
N SER A 81 37.12 -3.01 -1.79
CA SER A 81 38.56 -2.84 -1.60
C SER A 81 39.28 -3.63 -2.68
N ILE A 82 40.38 -3.06 -3.19
CA ILE A 82 41.30 -3.79 -4.03
C ILE A 82 42.76 -3.51 -3.59
N ARG A 83 43.50 -4.56 -3.28
CA ARG A 83 44.89 -4.34 -2.88
C ARG A 83 45.71 -5.41 -3.61
N SER A 84 46.63 -4.99 -4.48
CA SER A 84 47.57 -5.94 -5.07
C SER A 84 48.81 -5.94 -4.17
N SER A 85 49.02 -7.04 -3.50
CA SER A 85 50.02 -7.30 -2.52
C SER A 85 51.39 -7.47 -3.20
N SER A 86 51.35 -8.16 -4.34
CA SER A 86 52.52 -8.44 -5.14
C SER A 86 52.14 -8.52 -6.60
N SER A 87 53.13 -8.71 -7.45
CA SER A 87 52.85 -9.02 -8.87
C SER A 87 52.01 -10.31 -9.09
N LYS A 88 51.96 -11.16 -8.08
CA LYS A 88 51.30 -12.44 -8.23
C LYS A 88 49.95 -12.52 -7.46
N LEU A 89 49.63 -11.55 -6.63
CA LEU A 89 48.53 -11.72 -5.67
C LEU A 89 47.72 -10.48 -5.51
N ILE A 90 46.40 -10.59 -5.71
CA ILE A 90 45.49 -9.44 -5.49
C ILE A 90 44.44 -9.84 -4.49
N PHE A 91 44.16 -8.97 -3.54
CA PHE A 91 43.11 -9.17 -2.51
C PHE A 91 41.97 -8.23 -2.83
N TYR A 92 40.72 -8.75 -2.91
CA TYR A 92 39.54 -7.92 -3.00
C TYR A 92 38.71 -8.12 -1.77
N ASP A 93 37.93 -7.10 -1.36
CA ASP A 93 36.73 -7.37 -0.56
C ASP A 93 35.54 -7.14 -1.41
N ILE A 94 34.55 -8.04 -1.32
CA ILE A 94 33.25 -7.85 -1.97
C ILE A 94 32.17 -7.83 -0.89
N PHE A 95 31.11 -7.07 -1.14
CA PHE A 95 30.09 -6.93 -0.15
C PHE A 95 28.74 -7.18 -0.82
N CYS A 96 27.91 -7.93 -0.13
CA CYS A 96 26.57 -8.21 -0.70
C CYS A 96 25.68 -8.74 0.44
N GLU A 97 24.44 -8.30 0.43
CA GLU A 97 23.45 -8.75 1.47
C GLU A 97 24.02 -8.69 2.92
N GLU A 98 24.66 -7.56 3.25
CA GLU A 98 25.24 -7.26 4.55
C GLU A 98 26.43 -8.07 4.95
N GLN A 99 27.04 -8.79 4.01
CA GLN A 99 28.21 -9.60 4.37
C GLN A 99 29.38 -9.22 3.48
N LYS A 100 30.55 -9.18 4.07
CA LYS A 100 31.83 -9.02 3.33
C LYS A 100 32.55 -10.37 3.17
N VAL A 101 33.15 -10.61 2.02
CA VAL A 101 33.98 -11.79 1.78
C VAL A 101 35.24 -11.31 1.08
N GLN A 102 36.38 -11.81 1.52
CA GLN A 102 37.65 -11.55 0.81
C GLN A 102 37.89 -12.48 -0.34
N ILE A 103 38.37 -11.97 -1.45
CA ILE A 103 38.74 -12.82 -2.58
C ILE A 103 40.28 -12.72 -2.70
N ILE A 104 40.96 -13.86 -2.78
CA ILE A 104 42.44 -13.93 -2.91
C ILE A 104 42.67 -14.50 -4.30
N ALA A 105 43.20 -13.68 -5.20
CA ALA A 105 43.42 -14.07 -6.57
C ALA A 105 44.91 -14.19 -6.85
N ASN A 106 45.37 -15.43 -6.99
CA ASN A 106 46.76 -15.78 -7.22
C ASN A 106 46.92 -16.15 -8.68
N ILE A 107 47.93 -15.53 -9.30
CA ILE A 107 48.26 -15.79 -10.65
C ILE A 107 48.38 -17.26 -10.96
N MET A 108 48.87 -18.05 -10.02
CA MET A 108 48.99 -19.48 -10.27
C MET A 108 47.68 -20.23 -10.43
N GLU A 109 46.60 -19.68 -9.89
CA GLU A 109 45.28 -20.30 -10.05
C GLU A 109 44.43 -19.77 -11.15
N HIS A 110 44.90 -18.77 -11.90
CA HIS A 110 44.06 -18.10 -12.87
C HIS A 110 43.70 -18.96 -14.07
N ASP A 111 42.45 -18.94 -14.44
CA ASP A 111 41.93 -19.68 -15.57
C ASP A 111 42.19 -18.82 -16.82
N ILE A 112 43.26 -19.17 -17.56
CA ILE A 112 43.69 -18.42 -18.76
C ILE A 112 42.68 -18.41 -19.92
N SER A 113 41.71 -19.32 -19.89
CA SER A 113 40.57 -19.31 -20.83
C SER A 113 39.71 -18.03 -20.70
N THR A 114 39.85 -17.30 -19.58
CA THR A 114 39.16 -16.02 -19.38
C THR A 114 39.98 -14.82 -19.75
N GLY A 115 41.19 -15.02 -20.25
CA GLY A 115 42.10 -13.91 -20.43
C GLY A 115 43.33 -14.08 -19.60
N GLU A 116 44.35 -13.27 -19.87
CA GLU A 116 45.56 -13.27 -19.08
C GLU A 116 45.24 -12.61 -17.73
N PHE A 117 45.86 -13.13 -16.67
CA PHE A 117 45.65 -12.63 -15.28
C PHE A 117 45.70 -11.11 -15.20
N SER A 118 46.79 -10.48 -15.63
CA SER A 118 46.87 -9.01 -15.49
C SER A 118 45.78 -8.28 -16.28
N VAL A 119 45.43 -8.81 -17.47
CA VAL A 119 44.40 -8.20 -18.30
C VAL A 119 43.03 -8.25 -17.57
N SER A 120 42.71 -9.42 -17.08
CA SER A 120 41.43 -9.64 -16.37
C SER A 120 41.25 -8.72 -15.18
N HIS A 121 42.27 -8.59 -14.34
CA HIS A 121 42.19 -7.79 -13.12
C HIS A 121 42.32 -6.31 -13.42
N SER A 122 42.98 -5.95 -14.56
CA SER A 122 43.14 -4.53 -14.88
C SER A 122 41.84 -3.82 -15.20
N GLU A 123 40.79 -4.59 -15.51
CA GLU A 123 39.45 -4.07 -15.80
C GLU A 123 38.59 -3.68 -14.55
N ILE A 124 39.03 -4.09 -13.39
CA ILE A 124 38.24 -3.99 -12.18
C ILE A 124 38.61 -2.72 -11.40
N ARG A 125 37.61 -2.07 -10.85
CA ARG A 125 37.78 -0.94 -10.00
C ARG A 125 36.95 -1.07 -8.74
N ARG A 126 37.37 -0.36 -7.71
CA ARG A 126 36.56 -0.22 -6.53
C ARG A 126 35.18 0.31 -6.90
N GLY A 127 34.11 -0.27 -6.36
CA GLY A 127 32.76 0.07 -6.70
C GLY A 127 32.08 -0.83 -7.73
N ASP A 128 32.85 -1.64 -8.43
CA ASP A 128 32.30 -2.46 -9.46
C ASP A 128 31.55 -3.64 -8.88
N VAL A 129 30.51 -4.04 -9.60
CA VAL A 129 29.77 -5.29 -9.30
C VAL A 129 30.45 -6.36 -10.12
N VAL A 130 30.94 -7.35 -9.42
CA VAL A 130 31.79 -8.38 -10.03
C VAL A 130 31.45 -9.76 -9.58
N GLY A 131 31.79 -10.75 -10.39
CA GLY A 131 31.70 -12.15 -10.01
C GLY A 131 33.06 -12.80 -9.93
N PHE A 132 33.20 -13.84 -9.11
CA PHE A 132 34.43 -14.58 -8.96
C PHE A 132 34.07 -16.05 -8.86
N THR A 133 34.97 -16.92 -9.32
CA THR A 133 34.83 -18.36 -9.10
C THR A 133 36.08 -18.83 -8.46
N GLY A 134 35.96 -19.81 -7.54
CA GLY A 134 37.10 -20.33 -6.81
C GLY A 134 36.81 -21.37 -5.76
N PHE A 135 37.78 -21.58 -4.91
CA PHE A 135 37.74 -22.59 -3.87
C PHE A 135 37.52 -21.88 -2.56
N PRO A 136 36.76 -22.48 -1.64
CA PRO A 136 36.46 -21.78 -0.39
C PRO A 136 37.47 -22.05 0.71
N GLY A 137 37.57 -21.14 1.65
CA GLY A 137 38.38 -21.33 2.82
C GLY A 137 38.65 -20.04 3.60
N LYS A 138 39.81 -20.06 4.23
CA LYS A 138 40.26 -18.95 5.08
C LYS A 138 41.73 -18.79 4.90
N SER A 139 42.13 -17.52 4.85
CA SER A 139 43.55 -17.22 4.75
C SER A 139 44.21 -17.67 6.09
N LYS A 140 45.55 -17.67 6.09
CA LYS A 140 46.32 -18.00 7.29
C LYS A 140 46.08 -17.03 8.41
N ARG A 141 45.80 -15.76 8.07
CA ARG A 141 45.48 -14.76 9.08
C ARG A 141 44.01 -14.85 9.54
N GLY A 142 43.24 -15.81 9.03
CA GLY A 142 41.88 -16.06 9.49
C GLY A 142 40.73 -15.38 8.80
N GLU A 143 41.00 -14.79 7.63
CA GLU A 143 39.95 -14.08 6.90
C GLU A 143 39.18 -15.02 5.99
N LEU A 144 37.88 -15.05 6.18
CA LEU A 144 36.98 -15.80 5.30
C LEU A 144 37.25 -15.35 3.86
N SER A 145 37.56 -16.29 2.98
CA SER A 145 38.06 -15.97 1.64
C SER A 145 37.54 -16.96 0.58
N LEU A 146 37.54 -16.52 -0.68
CA LEU A 146 37.42 -17.33 -1.82
C LEU A 146 38.74 -17.24 -2.54
N PHE A 147 39.34 -18.37 -2.82
CA PHE A 147 40.66 -18.46 -3.54
C PHE A 147 40.33 -18.60 -5.01
N SER A 148 40.30 -17.48 -5.72
CA SER A 148 39.74 -17.41 -7.04
C SER A 148 40.55 -17.91 -8.20
N LYS A 149 39.84 -18.34 -9.21
CA LYS A 149 40.40 -18.66 -10.54
C LYS A 149 40.01 -17.75 -11.67
N SER A 150 38.96 -16.92 -11.48
CA SER A 150 38.47 -16.08 -12.55
C SER A 150 37.73 -14.94 -11.91
N VAL A 151 37.59 -13.86 -12.64
CA VAL A 151 36.92 -12.68 -12.24
C VAL A 151 36.08 -12.20 -13.43
N VAL A 152 34.85 -11.74 -13.21
CA VAL A 152 33.98 -11.30 -14.28
C VAL A 152 33.46 -9.93 -13.91
N LEU A 153 33.64 -8.92 -14.75
CA LEU A 153 33.08 -7.59 -14.52
C LEU A 153 31.62 -7.61 -14.96
N LEU A 154 30.71 -7.46 -14.01
CA LEU A 154 29.29 -7.57 -14.29
C LEU A 154 28.68 -6.20 -14.52
N SER A 155 29.00 -5.24 -13.65
CA SER A 155 28.42 -3.92 -13.84
C SER A 155 29.39 -2.92 -13.21
N PRO A 156 30.14 -2.15 -14.04
CA PRO A 156 31.06 -1.19 -13.48
C PRO A 156 30.42 0.03 -12.84
N CYS A 157 31.15 0.60 -11.91
CA CYS A 157 30.80 1.91 -11.35
C CYS A 157 31.63 2.97 -12.05
N TYR A 158 30.95 3.96 -12.58
CA TYR A 158 31.58 5.05 -13.38
C TYR A 158 31.92 6.28 -12.53
N HIS A 159 31.77 6.21 -11.19
CA HIS A 159 32.07 7.29 -10.27
C HIS A 159 33.01 6.79 -9.20
N MET A 160 33.86 7.69 -8.71
CA MET A 160 34.72 7.39 -7.57
C MET A 160 33.88 7.51 -6.32
N LEU A 161 33.69 6.46 -5.57
CA LEU A 161 32.81 6.49 -4.40
C LEU A 161 33.58 6.90 -3.15
N PRO A 162 32.98 7.64 -2.23
CA PRO A 162 33.60 7.70 -0.89
C PRO A 162 33.51 6.36 -0.14
N THR A 163 34.25 6.18 0.97
CA THR A 163 34.08 4.91 1.76
C THR A 163 33.01 5.02 2.88
N ALA A 164 32.57 6.24 3.19
CA ALA A 164 31.52 6.43 4.19
C ALA A 164 30.73 7.68 3.82
N ILE A 165 29.51 7.77 4.35
CA ILE A 165 28.64 8.96 4.21
C ILE A 165 29.29 10.31 4.57
N SER A 166 30.26 10.25 5.50
CA SER A 166 31.16 11.40 5.80
C SER A 166 31.82 12.04 4.55
N GLY A 167 32.17 11.22 3.54
CA GLY A 167 32.85 11.69 2.33
C GLY A 167 31.96 12.19 1.18
N LEU A 168 30.64 12.25 1.38
CA LEU A 168 29.71 12.77 0.37
C LEU A 168 29.81 14.31 0.30
N LYS A 169 29.38 14.88 -0.84
CA LYS A 169 29.41 16.35 -1.07
C LYS A 169 28.63 17.13 0.03
N ASP A 170 27.35 16.77 0.23
CA ASP A 170 26.47 17.25 1.36
C ASP A 170 25.91 16.00 2.08
N GLN A 171 25.22 16.19 3.21
CA GLN A 171 24.44 15.08 3.83
C GLN A 171 23.02 14.90 3.23
N GLU A 172 22.58 15.90 2.46
CA GLU A 172 21.51 15.84 1.48
C GLU A 172 21.68 14.78 0.36
N VAL A 173 22.93 14.49 0.04
CA VAL A 173 23.23 13.45 -0.93
C VAL A 173 22.56 12.13 -0.50
N ARG A 174 22.49 11.86 0.81
CA ARG A 174 21.94 10.64 1.33
C ARG A 174 20.48 10.44 0.85
N TYR A 175 19.76 11.55 0.70
CA TYR A 175 18.31 11.56 0.40
C TYR A 175 18.05 11.79 -1.09
N ARG A 176 18.88 12.58 -1.78
CA ARG A 176 18.77 12.72 -3.20
C ARG A 176 19.33 11.55 -4.00
N GLN A 177 20.32 10.88 -3.45
CA GLN A 177 20.94 9.71 -4.10
C GLN A 177 20.92 8.59 -3.03
N ARG A 178 19.71 8.08 -2.77
CA ARG A 178 19.56 7.12 -1.68
C ARG A 178 20.39 5.86 -1.88
N TYR A 179 20.57 5.44 -3.12
CA TYR A 179 21.42 4.30 -3.38
C TYR A 179 22.87 4.41 -2.84
N LEU A 180 23.38 5.64 -2.75
CA LEU A 180 24.69 5.88 -2.11
C LEU A 180 24.62 5.64 -0.62
N ASP A 181 23.57 6.18 0.00
CA ASP A 181 23.37 5.92 1.40
C ASP A 181 23.29 4.45 1.73
N LEU A 182 22.51 3.74 0.92
CA LEU A 182 22.31 2.34 1.12
C LEU A 182 23.57 1.52 0.88
N MET A 183 24.41 1.94 -0.05
CA MET A 183 25.67 1.24 -0.33
C MET A 183 26.64 1.42 0.81
N LEU A 184 26.63 2.59 1.42
CA LEU A 184 27.72 3.02 2.32
C LEU A 184 27.33 2.95 3.80
N ASN A 185 26.03 2.88 4.14
CA ASN A 185 25.63 3.18 5.55
C ASN A 185 24.75 2.06 6.12
N GLU A 186 25.31 1.19 6.94
CA GLU A 186 24.55 0.12 7.53
C GLU A 186 23.35 0.64 8.32
N GLU A 187 23.47 1.78 8.99
CA GLU A 187 22.33 2.33 9.79
C GLU A 187 21.09 2.60 8.94
N SER A 188 21.32 3.10 7.74
CA SER A 188 20.18 3.40 6.85
C SER A 188 19.51 2.08 6.41
N ARG A 189 20.29 1.07 6.10
CA ARG A 189 19.73 -0.23 5.77
C ARG A 189 18.88 -0.88 6.93
N LYS A 190 19.36 -0.71 8.15
CA LYS A 190 18.67 -1.24 9.34
C LYS A 190 17.31 -0.55 9.55
N VAL A 191 17.24 0.73 9.24
CA VAL A 191 15.98 1.45 9.39
C VAL A 191 14.90 0.84 8.54
N PHE A 192 15.21 0.55 7.28
CA PHE A 192 14.18 0.04 6.35
C PHE A 192 13.80 -1.37 6.60
N LYS A 193 14.70 -2.16 7.15
CA LYS A 193 14.37 -3.49 7.63
C LYS A 193 13.46 -3.40 8.88
N LEU A 194 13.76 -2.49 9.79
CA LEU A 194 12.93 -2.32 11.01
C LEU A 194 11.51 -1.85 10.60
N ARG A 195 11.46 -0.94 9.65
CA ARG A 195 10.14 -0.48 9.13
C ARG A 195 9.29 -1.65 8.66
N SER A 196 9.84 -2.53 7.80
CA SER A 196 9.11 -3.72 7.41
C SER A 196 8.71 -4.64 8.55
N ARG A 197 9.59 -4.80 9.50
CA ARG A 197 9.29 -5.66 10.65
C ARG A 197 8.12 -5.09 11.48
N ALA A 198 8.13 -3.79 11.64
CA ALA A 198 7.09 -3.15 12.43
C ALA A 198 5.73 -3.29 11.73
N ILE A 199 5.74 -3.02 10.42
CA ILE A 199 4.49 -3.13 9.66
C ILE A 199 3.94 -4.58 9.71
N LYS A 200 4.81 -5.60 9.59
CA LYS A 200 4.45 -7.01 9.72
C LYS A 200 3.82 -7.29 11.08
N TYR A 201 4.38 -6.71 12.14
CA TYR A 201 3.89 -6.93 13.51
C TYR A 201 2.46 -6.37 13.62
N ILE A 202 2.27 -5.20 13.03
CA ILE A 202 0.96 -4.53 13.04
C ILE A 202 -0.07 -5.31 12.29
N ARG A 203 0.27 -5.77 11.05
CA ARG A 203 -0.66 -6.59 10.25
C ARG A 203 -1.02 -7.87 11.04
N ASN A 204 -0.04 -8.51 11.62
CA ASN A 204 -0.30 -9.71 12.47
C ASN A 204 -1.25 -9.49 13.65
N TYR A 205 -1.13 -8.35 14.31
CA TYR A 205 -1.96 -8.01 15.44
C TYR A 205 -3.43 -7.98 15.03
N PHE A 206 -3.69 -7.23 13.93
CA PHE A 206 -5.04 -7.12 13.45
C PHE A 206 -5.53 -8.37 12.72
N ASP A 207 -4.69 -9.05 11.96
CA ASP A 207 -5.15 -10.27 11.31
C ASP A 207 -5.60 -11.29 12.42
N ARG A 208 -4.92 -11.35 13.52
CA ARG A 208 -5.30 -12.30 14.61
C ARG A 208 -6.57 -11.90 15.29
N LEU A 209 -6.91 -10.62 15.33
CA LEU A 209 -8.23 -10.17 15.75
C LEU A 209 -9.35 -10.42 14.75
N GLY A 210 -9.10 -10.95 13.56
CA GLY A 210 -10.11 -11.22 12.58
C GLY A 210 -10.47 -10.06 11.64
N PHE A 211 -9.57 -9.10 11.49
CA PHE A 211 -9.80 -7.95 10.63
C PHE A 211 -9.61 -8.39 9.19
N LEU A 212 -10.22 -7.65 8.30
CA LEU A 212 -10.00 -7.83 6.88
C LEU A 212 -9.24 -6.61 6.37
N GLU A 213 -8.10 -6.80 5.70
CA GLU A 213 -7.40 -5.74 5.05
C GLU A 213 -8.07 -5.43 3.73
N VAL A 214 -8.27 -4.15 3.50
CA VAL A 214 -8.89 -3.62 2.31
C VAL A 214 -8.08 -2.52 1.65
N GLU A 215 -8.47 -2.20 0.39
CA GLU A 215 -7.93 -1.02 -0.29
C GLU A 215 -9.05 -0.11 -0.76
N THR A 216 -9.01 1.18 -0.44
CA THR A 216 -10.02 2.11 -0.88
C THR A 216 -9.38 3.17 -1.78
N PRO A 217 -10.14 4.01 -2.49
CA PRO A 217 -9.52 4.79 -3.55
C PRO A 217 -8.54 5.82 -3.10
N MET A 218 -7.46 6.00 -3.83
CA MET A 218 -6.58 7.11 -3.63
C MET A 218 -6.97 8.29 -4.53
N LEU A 219 -7.78 8.05 -5.54
CA LEU A 219 -8.36 9.13 -6.35
C LEU A 219 -9.80 9.33 -5.92
N ASN A 220 -10.13 10.52 -5.44
CA ASN A 220 -11.43 10.75 -4.83
C ASN A 220 -12.17 11.86 -5.62
N MET A 221 -13.47 11.68 -5.88
CA MET A 221 -14.19 12.81 -6.47
C MET A 221 -14.36 13.92 -5.44
N ILE A 222 -14.45 13.52 -4.17
CA ILE A 222 -14.54 14.49 -3.06
C ILE A 222 -13.58 14.09 -1.92
N TYR A 223 -12.64 14.96 -1.58
CA TYR A 223 -11.66 14.61 -0.58
C TYR A 223 -12.31 14.79 0.81
N GLY A 224 -11.83 14.09 1.81
CA GLY A 224 -12.38 14.17 3.13
C GLY A 224 -11.65 13.32 4.13
N GLY A 225 -12.04 13.44 5.36
CA GLY A 225 -11.54 12.58 6.41
C GLY A 225 -10.43 13.08 7.27
N ALA A 226 -9.93 14.30 7.02
CA ALA A 226 -8.93 14.90 7.85
C ALA A 226 -8.94 16.41 7.66
N ALA A 227 -8.17 17.09 8.48
CA ALA A 227 -7.91 18.51 8.30
C ALA A 227 -6.63 18.67 7.52
N ALA A 228 -6.80 18.71 6.19
CA ALA A 228 -5.67 18.67 5.28
C ALA A 228 -6.06 19.27 3.95
N ARG A 229 -5.09 19.93 3.31
CA ARG A 229 -5.23 20.40 1.95
C ARG A 229 -4.85 19.32 0.95
N PRO A 230 -5.66 19.14 -0.07
CA PRO A 230 -5.37 18.05 -1.02
C PRO A 230 -4.54 18.48 -2.22
N PHE A 231 -4.04 17.46 -2.93
CA PHE A 231 -3.52 17.59 -4.29
C PHE A 231 -4.68 17.37 -5.20
N ILE A 232 -4.70 18.15 -6.28
CA ILE A 232 -5.78 18.12 -7.25
C ILE A 232 -5.23 17.60 -8.59
N THR A 233 -6.00 16.75 -9.24
CA THR A 233 -5.70 16.21 -10.57
C THR A 233 -6.97 16.08 -11.42
N TYR A 234 -6.86 15.37 -12.55
CA TYR A 234 -7.93 15.35 -13.52
C TYR A 234 -7.83 14.08 -14.34
N HIS A 235 -8.99 13.45 -14.54
CA HIS A 235 -9.04 12.22 -15.39
C HIS A 235 -9.64 12.64 -16.71
N ASN A 236 -8.89 12.51 -17.78
CA ASN A 236 -9.31 13.06 -19.11
C ASN A 236 -10.55 12.37 -19.69
N GLU A 237 -10.58 11.04 -19.71
CA GLU A 237 -11.71 10.34 -20.33
C GLU A 237 -12.99 10.46 -19.50
N LEU A 238 -12.89 10.47 -18.18
CA LEU A 238 -14.06 10.65 -17.29
C LEU A 238 -14.48 12.11 -17.24
N GLU A 239 -13.68 13.03 -17.78
CA GLU A 239 -13.95 14.44 -17.75
C GLU A 239 -14.26 14.92 -16.36
N THR A 240 -13.36 14.55 -15.44
CA THR A 240 -13.62 15.00 -14.07
C THR A 240 -12.37 15.25 -13.28
N GLN A 241 -12.49 16.26 -12.45
CA GLN A 241 -11.48 16.56 -11.54
C GLN A 241 -11.53 15.50 -10.43
N LEU A 242 -10.37 15.24 -9.85
CA LEU A 242 -10.22 14.27 -8.75
C LEU A 242 -9.19 14.84 -7.80
N TYR A 243 -9.29 14.37 -6.55
CA TYR A 243 -8.34 14.68 -5.56
C TYR A 243 -7.59 13.46 -5.14
N MET A 244 -6.33 13.62 -4.79
CA MET A 244 -5.63 12.55 -4.10
C MET A 244 -6.17 12.45 -2.71
N ARG A 245 -6.30 11.24 -2.19
CA ARG A 245 -6.88 11.13 -0.82
C ARG A 245 -5.98 11.73 0.23
N ILE A 246 -6.64 12.46 1.15
CA ILE A 246 -6.04 12.92 2.37
C ILE A 246 -6.11 11.91 3.51
N ALA A 247 -7.07 11.03 3.40
CA ALA A 247 -7.36 9.97 4.38
C ALA A 247 -8.40 9.02 3.78
N PRO A 248 -8.37 7.73 4.19
CA PRO A 248 -9.36 6.74 3.68
C PRO A 248 -10.65 6.67 4.47
N GLU A 249 -10.76 7.47 5.54
CA GLU A 249 -11.83 7.37 6.49
C GLU A 249 -13.28 7.21 5.95
N LEU A 250 -13.66 8.06 4.99
CA LEU A 250 -15.09 8.06 4.53
C LEU A 250 -15.41 6.77 3.79
N TYR A 251 -14.43 6.21 3.10
CA TYR A 251 -14.67 4.94 2.43
C TYR A 251 -14.67 3.76 3.41
N LEU A 252 -13.74 3.74 4.33
CA LEU A 252 -13.70 2.70 5.34
C LEU A 252 -14.99 2.61 6.15
N LYS A 253 -15.57 3.74 6.57
CA LYS A 253 -16.80 3.70 7.30
C LYS A 253 -17.92 3.09 6.52
N GLN A 254 -17.88 3.26 5.18
CA GLN A 254 -18.93 2.62 4.33
C GLN A 254 -18.81 1.14 4.34
N LEU A 255 -17.64 0.60 4.60
CA LEU A 255 -17.50 -0.85 4.69
C LEU A 255 -18.12 -1.39 5.98
N ILE A 256 -18.14 -0.59 7.06
CA ILE A 256 -18.84 -0.96 8.29
C ILE A 256 -20.37 -0.92 8.15
N VAL A 257 -20.85 0.07 7.44
CA VAL A 257 -22.29 0.06 6.97
C VAL A 257 -22.53 -1.27 6.26
N GLY A 258 -21.60 -1.66 5.41
CA GLY A 258 -21.70 -2.85 4.64
C GLY A 258 -21.59 -4.14 5.36
N GLY A 259 -21.24 -4.11 6.64
CA GLY A 259 -21.26 -5.27 7.49
C GLY A 259 -19.95 -6.00 7.61
N LEU A 260 -18.83 -5.40 7.13
CA LEU A 260 -17.57 -6.08 7.22
C LEU A 260 -16.97 -6.17 8.65
N ASP A 261 -17.48 -5.32 9.56
CA ASP A 261 -17.29 -5.38 11.02
C ASP A 261 -15.94 -4.87 11.50
N LYS A 262 -14.86 -5.35 10.89
CA LYS A 262 -13.46 -5.07 11.30
C LYS A 262 -12.68 -4.94 10.01
N VAL A 263 -12.26 -3.74 9.64
CA VAL A 263 -11.49 -3.50 8.46
C VAL A 263 -10.29 -2.67 8.79
N TYR A 264 -9.19 -2.88 8.07
CA TYR A 264 -8.05 -1.94 8.20
C TYR A 264 -7.47 -1.72 6.76
N GLU A 265 -6.72 -0.62 6.65
CA GLU A 265 -6.04 -0.25 5.41
C GLU A 265 -4.67 0.31 5.80
N ILE A 266 -3.61 -0.08 5.09
CA ILE A 266 -2.31 0.54 5.29
C ILE A 266 -1.85 1.06 3.96
N GLY A 267 -1.66 2.37 3.87
CA GLY A 267 -1.19 2.95 2.58
C GLY A 267 -0.97 4.44 2.67
N LYS A 268 -0.67 5.01 1.53
CA LYS A 268 -0.34 6.39 1.45
C LYS A 268 -1.53 7.34 1.58
N ASN A 269 -1.28 8.44 2.27
CA ASN A 269 -2.06 9.63 2.20
C ASN A 269 -1.25 10.71 1.55
N PHE A 270 -1.93 11.70 0.99
CA PHE A 270 -1.29 12.80 0.24
C PHE A 270 -1.78 14.11 0.78
N ARG A 271 -0.86 14.92 1.30
CA ARG A 271 -1.30 16.17 1.89
C ARG A 271 -0.42 17.26 1.42
N ASN A 272 -1.09 18.28 0.87
CA ASN A 272 -0.40 19.36 0.09
C ASN A 272 -0.13 20.50 1.06
N GLU A 273 0.93 20.39 1.83
CA GLU A 273 1.20 21.43 2.86
CA GLU A 273 1.18 21.33 2.94
C GLU A 273 2.70 21.62 2.99
N GLY A 274 3.29 21.78 4.16
CA GLY A 274 4.74 21.97 4.24
C GLY A 274 5.51 20.66 4.37
N ILE A 275 6.80 20.75 4.22
CA ILE A 275 7.77 19.66 4.35
C ILE A 275 8.75 20.08 5.44
N ASP A 276 8.94 19.20 6.45
CA ASP A 276 9.87 19.50 7.51
C ASP A 276 10.23 18.20 8.21
N LEU A 277 10.84 18.29 9.40
CA LEU A 277 11.34 17.09 10.05
C LEU A 277 10.31 16.03 10.32
N THR A 278 9.03 16.39 10.38
CA THR A 278 7.96 15.43 10.66
C THR A 278 6.84 15.41 9.62
N HIS A 279 7.09 16.01 8.45
CA HIS A 279 6.09 16.08 7.37
C HIS A 279 6.70 15.82 5.99
N ASN A 280 6.17 14.85 5.27
CA ASN A 280 6.48 14.56 3.88
C ASN A 280 5.16 14.61 3.12
N PRO A 281 5.15 15.10 1.85
CA PRO A 281 3.83 15.22 1.19
C PRO A 281 3.05 13.96 0.96
N GLU A 282 3.72 12.81 0.87
CA GLU A 282 3.08 11.54 0.93
C GLU A 282 3.63 10.82 2.12
N PHE A 283 2.80 10.10 2.85
CA PHE A 283 3.23 9.40 4.05
C PHE A 283 2.37 8.18 4.24
N THR A 284 2.79 7.23 5.05
CA THR A 284 2.02 6.01 5.21
C THR A 284 1.26 5.97 6.52
N ALA A 285 -0.03 5.71 6.40
CA ALA A 285 -0.91 5.62 7.50
C ALA A 285 -1.64 4.29 7.54
N MET A 286 -1.96 3.86 8.73
CA MET A 286 -2.87 2.79 8.94
C MET A 286 -4.16 3.34 9.52
N GLU A 287 -5.32 2.96 8.96
CA GLU A 287 -6.60 3.20 9.62
C GLU A 287 -7.33 1.86 9.84
N PHE A 288 -8.01 1.79 10.99
CA PHE A 288 -8.94 0.68 11.19
C PHE A 288 -10.27 1.16 11.73
N TYR A 289 -11.33 0.41 11.44
CA TYR A 289 -12.67 0.66 11.94
C TYR A 289 -13.16 -0.64 12.53
N MET A 290 -13.64 -0.57 13.74
CA MET A 290 -14.11 -1.73 14.50
C MET A 290 -15.58 -1.45 14.96
N ALA A 291 -16.49 -2.20 14.39
CA ALA A 291 -17.85 -2.10 14.89
C ALA A 291 -17.92 -2.43 16.39
N TYR A 292 -18.75 -1.66 17.10
CA TYR A 292 -19.09 -1.80 18.50
C TYR A 292 -18.01 -1.35 19.49
N ALA A 293 -16.91 -0.82 19.01
CA ALA A 293 -15.96 -0.18 19.83
C ALA A 293 -16.27 1.31 20.05
N ASP A 294 -15.86 1.84 21.18
CA ASP A 294 -15.89 3.29 21.41
C ASP A 294 -14.44 3.73 21.66
N TYR A 295 -14.26 5.04 21.84
CA TYR A 295 -12.92 5.55 22.00
C TYR A 295 -12.18 5.06 23.24
N TYR A 296 -12.87 4.65 24.28
CA TYR A 296 -12.21 4.07 25.44
C TYR A 296 -11.60 2.73 25.08
N ASP A 297 -12.33 1.95 24.33
CA ASP A 297 -11.82 0.66 23.82
C ASP A 297 -10.58 0.92 22.95
N LEU A 298 -10.66 1.96 22.16
CA LEU A 298 -9.53 2.27 21.29
C LEU A 298 -8.29 2.72 22.03
N MET A 299 -8.44 3.49 23.13
CA MET A 299 -7.26 3.85 23.93
C MET A 299 -6.55 2.61 24.44
N ASP A 300 -7.35 1.67 24.94
CA ASP A 300 -6.83 0.42 25.46
C ASP A 300 -6.11 -0.38 24.37
N LEU A 301 -6.65 -0.42 23.18
CA LEU A 301 -6.03 -1.15 22.08
C LEU A 301 -4.71 -0.47 21.67
N THR A 302 -4.75 0.86 21.56
CA THR A 302 -3.57 1.65 21.25
C THR A 302 -2.43 1.31 22.17
N GLU A 303 -2.71 1.33 23.46
CA GLU A 303 -1.71 1.02 24.45
C GLU A 303 -1.18 -0.38 24.27
N GLU A 304 -2.05 -1.37 24.07
CA GLU A 304 -1.63 -2.77 23.90
C GLU A 304 -0.77 -2.94 22.67
N LEU A 305 -1.23 -2.39 21.55
CA LEU A 305 -0.55 -2.54 20.31
C LEU A 305 0.81 -1.88 20.32
N ILE A 306 0.85 -0.61 20.73
CA ILE A 306 2.11 0.11 20.65
C ILE A 306 3.10 -0.36 21.72
N SER A 307 2.63 -0.61 22.95
CA SER A 307 3.59 -1.17 23.96
C SER A 307 4.08 -2.55 23.51
N GLY A 308 3.25 -3.37 22.87
CA GLY A 308 3.70 -4.70 22.39
C GLY A 308 4.76 -4.56 21.34
N LEU A 309 4.59 -3.60 20.43
CA LEU A 309 5.56 -3.37 19.38
C LEU A 309 6.89 -2.78 19.91
N VAL A 310 6.78 -1.89 20.86
CA VAL A 310 8.02 -1.39 21.48
C VAL A 310 8.77 -2.53 22.15
N LEU A 311 8.08 -3.33 22.90
CA LEU A 311 8.66 -4.53 23.54
C LEU A 311 9.34 -5.45 22.51
N GLU A 312 8.67 -5.71 21.41
CA GLU A 312 9.15 -6.62 20.36
C GLU A 312 10.50 -6.13 19.84
N ILE A 313 10.64 -4.83 19.63
CA ILE A 313 11.82 -4.20 19.09
C ILE A 313 12.89 -3.99 20.15
N HIS A 314 12.53 -3.46 21.32
CA HIS A 314 13.49 -2.98 22.27
C HIS A 314 13.69 -3.86 23.50
N GLY A 315 12.82 -4.78 23.73
CA GLY A 315 12.87 -5.66 24.93
C GLY A 315 12.50 -5.08 26.29
N SER A 316 12.05 -3.83 26.27
CA SER A 316 11.38 -3.27 27.47
C SER A 316 10.57 -2.08 26.96
N LEU A 317 9.90 -1.38 27.84
CA LEU A 317 9.06 -0.25 27.48
C LEU A 317 9.73 1.09 27.63
N LYS A 318 11.03 1.15 28.02
CA LYS A 318 11.70 2.43 28.20
C LYS A 318 12.78 2.42 27.20
N ILE A 319 12.71 3.37 26.28
CA ILE A 319 13.59 3.34 25.07
C ILE A 319 14.32 4.63 24.83
N PRO A 320 15.48 4.54 24.17
CA PRO A 320 16.27 5.72 23.96
C PRO A 320 15.80 6.55 22.83
N TYR A 321 16.03 7.84 22.94
CA TYR A 321 15.77 8.73 21.87
C TYR A 321 16.76 9.87 21.92
N HIS A 322 17.27 10.24 20.71
CA HIS A 322 18.10 11.42 20.54
C HIS A 322 17.39 12.53 19.81
N PRO A 323 16.78 13.45 20.53
CA PRO A 323 15.94 14.45 19.87
C PRO A 323 16.69 15.46 19.00
N ASP A 324 18.00 15.61 19.22
CA ASP A 324 18.88 16.38 18.35
C ASP A 324 19.70 15.32 17.58
N GLY A 325 20.98 15.44 17.32
CA GLY A 325 21.64 14.33 16.53
C GLY A 325 21.81 13.08 17.36
N PRO A 326 22.37 11.97 16.80
CA PRO A 326 23.11 11.02 17.66
C PRO A 326 24.40 11.62 18.26
N GLU A 327 24.77 12.82 17.79
CA GLU A 327 25.70 13.69 18.48
C GLU A 327 25.13 14.49 19.66
N GLY A 328 23.79 14.49 19.86
CA GLY A 328 23.18 15.14 21.03
C GLY A 328 22.86 14.26 22.26
N LYS A 329 22.11 14.83 23.17
CA LYS A 329 21.68 14.10 24.39
C LYS A 329 20.80 12.88 24.05
N CYS A 330 20.90 11.85 24.89
CA CYS A 330 19.95 10.73 24.89
C CYS A 330 18.94 10.90 26.00
N ILE A 331 17.65 10.84 25.63
CA ILE A 331 16.56 10.85 26.63
C ILE A 331 15.96 9.47 26.68
N GLU A 332 15.01 9.25 27.62
CA GLU A 332 14.31 8.00 27.70
C GLU A 332 12.81 8.25 27.50
N ILE A 333 12.18 7.52 26.58
CA ILE A 333 10.74 7.58 26.39
C ILE A 333 10.14 6.38 27.08
N ASP A 334 9.18 6.61 27.98
CA ASP A 334 8.63 5.54 28.79
C ASP A 334 7.15 5.22 28.27
N PHE A 335 7.02 4.04 27.68
CA PHE A 335 5.74 3.52 27.19
C PHE A 335 4.98 2.66 28.18
N THR A 336 5.39 2.62 29.45
CA THR A 336 4.64 1.89 30.43
C THR A 336 3.15 2.41 30.47
N THR A 337 2.20 1.50 30.55
CA THR A 337 0.77 1.79 30.47
C THR A 337 0.17 1.77 31.86
N PRO A 338 -0.92 2.46 32.12
CA PRO A 338 -1.66 3.28 31.14
C PRO A 338 -0.98 4.63 31.01
N TRP A 339 -1.25 5.28 29.91
CA TRP A 339 -0.65 6.54 29.58
C TRP A 339 -1.42 7.72 30.12
N LYS A 340 -0.75 8.84 30.29
CA LYS A 340 -1.39 10.04 30.76
C LYS A 340 -2.49 10.51 29.81
N ARG A 341 -3.65 10.88 30.35
CA ARG A 341 -4.65 11.63 29.62
C ARG A 341 -4.63 13.10 29.95
N PHE A 342 -4.70 13.97 28.93
CA PHE A 342 -4.94 15.38 29.11
C PHE A 342 -6.25 15.74 28.41
N SER A 343 -7.18 16.39 29.11
CA SER A 343 -8.44 16.81 28.51
C SER A 343 -8.17 18.13 27.82
N PHE A 344 -8.52 18.17 26.53
CA PHE A 344 -8.15 19.30 25.64
C PHE A 344 -8.48 20.68 26.21
N VAL A 345 -9.74 20.94 26.47
CA VAL A 345 -10.14 22.29 26.93
C VAL A 345 -9.57 22.57 28.30
N GLU A 346 -9.70 21.60 29.22
CA GLU A 346 -9.23 21.90 30.60
C GLU A 346 -7.73 22.25 30.68
N GLU A 347 -6.91 21.55 29.91
CA GLU A 347 -5.50 21.84 29.87
C GLU A 347 -5.15 23.17 29.23
N ILE A 348 -5.90 23.58 28.21
CA ILE A 348 -5.77 24.92 27.74
C ILE A 348 -6.06 25.96 28.84
N GLU A 349 -7.17 25.75 29.52
CA GLU A 349 -7.64 26.67 30.58
C GLU A 349 -6.62 26.75 31.70
N SER A 350 -5.94 25.66 31.97
CA SER A 350 -4.96 25.62 33.04
C SER A 350 -3.75 26.41 32.61
N GLY A 351 -3.37 26.35 31.32
CA GLY A 351 -2.27 27.10 30.75
C GLY A 351 -2.64 28.59 30.73
N LEU A 352 -3.91 28.91 30.50
CA LEU A 352 -4.31 30.33 30.41
C LEU A 352 -4.46 30.94 31.77
N GLY A 353 -4.81 30.11 32.73
CA GLY A 353 -5.33 30.62 34.01
C GLY A 353 -6.72 31.22 33.96
N GLU A 354 -7.50 30.94 32.91
CA GLU A 354 -8.91 31.36 32.85
C GLU A 354 -9.67 30.51 31.86
N LYS A 355 -11.00 30.61 31.89
CA LYS A 355 -11.86 29.75 31.08
C LYS A 355 -12.04 30.36 29.71
N LEU A 356 -12.13 29.48 28.74
CA LEU A 356 -12.66 29.82 27.43
C LEU A 356 -14.13 30.21 27.57
N LYS A 357 -14.64 31.03 26.65
CA LYS A 357 -16.01 31.40 26.66
C LYS A 357 -16.84 30.30 26.02
N ARG A 358 -18.07 30.14 26.46
CA ARG A 358 -19.02 29.22 25.90
C ARG A 358 -20.18 29.90 25.20
N PRO A 359 -20.68 29.42 24.06
CA PRO A 359 -20.14 28.22 23.38
C PRO A 359 -18.77 28.48 22.76
N LEU A 360 -18.01 27.41 22.57
CA LEU A 360 -16.63 27.52 22.13
C LEU A 360 -16.50 28.07 20.72
N ASP A 361 -17.54 27.96 19.96
CA ASP A 361 -17.55 28.48 18.61
C ASP A 361 -18.29 29.79 18.46
N SER A 362 -18.69 30.39 19.56
CA SER A 362 -19.33 31.73 19.53
C SER A 362 -18.30 32.79 19.11
N GLN A 363 -18.81 33.93 18.56
CA GLN A 363 -17.89 35.00 18.25
C GLN A 363 -17.21 35.56 19.44
N GLU A 364 -17.89 35.52 20.61
CA GLU A 364 -17.29 35.95 21.89
C GLU A 364 -16.08 35.06 22.19
N ASN A 365 -16.19 33.74 22.03
CA ASN A 365 -14.98 32.93 22.26
C ASN A 365 -13.88 33.07 21.19
N ILE A 366 -14.27 33.29 19.94
CA ILE A 366 -13.33 33.56 18.91
C ILE A 366 -12.47 34.78 19.24
N ASP A 367 -13.16 35.86 19.56
CA ASP A 367 -12.49 37.11 19.95
C ASP A 367 -11.54 36.89 21.14
N PHE A 368 -12.01 36.17 22.14
CA PHE A 368 -11.22 35.87 23.32
C PHE A 368 -9.97 35.10 22.98
N MET A 369 -10.13 34.08 22.12
CA MET A 369 -9.02 33.23 21.75
C MET A 369 -7.98 33.95 20.89
N VAL A 370 -8.42 34.95 20.10
CA VAL A 370 -7.49 35.79 19.35
C VAL A 370 -6.70 36.60 20.39
N GLU A 371 -7.41 37.17 21.36
CA GLU A 371 -6.79 37.99 22.43
C GLU A 371 -5.78 37.12 23.20
N MET A 372 -6.14 35.88 23.49
CA MET A 372 -5.20 34.94 24.17
C MET A 372 -3.99 34.58 23.35
N CYS A 373 -4.17 34.33 22.04
CA CYS A 373 -3.07 34.09 21.18
C CYS A 373 -2.08 35.31 21.16
N GLU A 374 -2.64 36.50 21.06
CA GLU A 374 -1.76 37.70 21.07
C GLU A 374 -1.02 37.80 22.42
N LYS A 375 -1.74 37.66 23.53
CA LYS A 375 -1.17 37.71 24.89
C LYS A 375 -0.02 36.71 25.08
N HIS A 376 -0.13 35.50 24.50
CA HIS A 376 0.84 34.43 24.73
C HIS A 376 1.80 34.26 23.59
N GLU A 377 1.83 35.23 22.68
CA GLU A 377 2.67 35.23 21.46
C GLU A 377 2.58 33.97 20.62
N ILE A 378 1.32 33.57 20.39
CA ILE A 378 1.00 32.42 19.57
C ILE A 378 0.56 32.93 18.20
N GLU A 379 1.21 32.45 17.12
CA GLU A 379 0.93 32.92 15.77
C GLU A 379 -0.52 32.57 15.42
N LEU A 380 -1.25 33.55 14.91
CA LEU A 380 -2.66 33.33 14.59
C LEU A 380 -2.84 32.47 13.38
N PRO A 381 -3.88 31.62 13.37
CA PRO A 381 -4.19 30.89 12.13
C PRO A 381 -4.96 31.76 11.14
N HIS A 382 -5.05 31.35 9.88
CA HIS A 382 -5.93 31.94 8.91
C HIS A 382 -6.73 30.91 8.15
N PRO A 383 -8.06 31.06 8.06
CA PRO A 383 -8.84 32.10 8.75
C PRO A 383 -8.96 31.82 10.26
N ARG A 384 -9.50 32.80 10.99
CA ARG A 384 -9.55 32.71 12.44
C ARG A 384 -10.84 32.02 12.88
N THR A 385 -11.01 30.77 12.47
CA THR A 385 -12.12 29.98 12.93
C THR A 385 -11.88 29.48 14.39
N ALA A 386 -12.99 29.20 15.07
CA ALA A 386 -12.91 28.65 16.44
C ALA A 386 -12.00 27.42 16.45
N ALA A 387 -12.21 26.54 15.49
CA ALA A 387 -11.42 25.28 15.47
C ALA A 387 -9.91 25.55 15.32
N LYS A 388 -9.55 26.44 14.39
CA LYS A 388 -8.13 26.68 14.16
C LYS A 388 -7.49 27.36 15.32
N LEU A 389 -8.28 28.22 15.96
CA LEU A 389 -7.79 28.92 17.17
C LEU A 389 -7.54 27.93 18.34
N LEU A 390 -8.50 27.05 18.55
CA LEU A 390 -8.36 25.98 19.54
C LEU A 390 -7.14 25.13 19.30
N ASP A 391 -6.88 24.83 18.04
CA ASP A 391 -5.73 24.02 17.66
C ASP A 391 -4.44 24.73 17.99
N LYS A 392 -4.38 26.01 17.71
CA LYS A 392 -3.17 26.77 18.09
C LYS A 392 -2.96 26.77 19.59
N LEU A 393 -4.01 26.99 20.36
CA LEU A 393 -3.93 26.96 21.80
C LEU A 393 -3.49 25.61 22.32
N ALA A 394 -4.02 24.53 21.74
CA ALA A 394 -3.60 23.17 22.17
C ALA A 394 -2.14 22.94 21.85
N GLY A 395 -1.70 23.37 20.67
CA GLY A 395 -0.30 23.27 20.25
C GLY A 395 0.67 23.89 21.22
N HIS A 396 0.27 25.01 21.79
CA HIS A 396 1.14 25.76 22.64
C HIS A 396 1.09 25.27 24.10
N PHE A 397 -0.09 24.95 24.61
CA PHE A 397 -0.29 24.64 26.01
C PHE A 397 -0.36 23.15 26.35
N VAL A 398 -0.73 22.31 25.38
CA VAL A 398 -1.03 20.90 25.69
C VAL A 398 -0.10 19.93 25.01
N GLU A 399 0.13 20.08 23.72
CA GLU A 399 0.98 19.15 22.99
C GLU A 399 2.43 19.25 23.54
N THR A 400 2.78 20.38 24.08
CA THR A 400 4.11 20.63 24.67
C THR A 400 4.32 19.89 26.00
N LYS A 401 3.28 19.39 26.59
CA LYS A 401 3.35 18.60 27.82
C LYS A 401 3.48 17.15 27.51
N CYS A 402 3.42 16.78 26.24
CA CYS A 402 3.40 15.36 25.86
C CYS A 402 4.74 14.73 25.54
N THR A 403 5.56 14.39 26.55
CA THR A 403 6.88 13.86 26.33
C THR A 403 6.79 12.34 26.18
N ASN A 404 6.40 11.68 27.25
CA ASN A 404 6.00 10.28 27.09
C ASN A 404 4.67 10.18 26.34
N PRO A 405 4.38 9.00 25.77
CA PRO A 405 3.04 8.84 25.15
C PRO A 405 1.91 9.32 26.00
N SER A 406 1.12 10.23 25.45
CA SER A 406 0.03 10.83 26.20
C SER A 406 -1.12 11.05 25.30
N PHE A 407 -2.32 10.79 25.78
CA PHE A 407 -3.55 11.02 25.00
C PHE A 407 -4.04 12.42 25.28
N ILE A 408 -4.26 13.23 24.25
CA ILE A 408 -5.05 14.46 24.37
C ILE A 408 -6.48 14.03 24.00
N ILE A 409 -7.42 14.28 24.86
CA ILE A 409 -8.76 13.75 24.74
C ILE A 409 -9.86 14.80 24.72
N ASP A 410 -11.01 14.39 24.20
CA ASP A 410 -12.24 15.11 24.31
C ASP A 410 -12.27 16.44 23.59
N HIS A 411 -11.74 16.41 22.38
CA HIS A 411 -11.68 17.58 21.55
C HIS A 411 -13.05 18.20 21.28
N PRO A 412 -13.11 19.55 21.20
CA PRO A 412 -14.33 20.18 20.77
C PRO A 412 -14.92 19.69 19.49
N GLN A 413 -16.25 19.59 19.42
CA GLN A 413 -16.96 19.28 18.22
C GLN A 413 -16.57 20.14 17.04
N THR A 414 -16.36 21.44 17.31
CA THR A 414 -16.16 22.41 16.24
C THR A 414 -14.89 22.08 15.43
N MET A 415 -13.95 21.33 16.03
CA MET A 415 -12.74 20.91 15.34
C MET A 415 -12.74 19.46 14.96
N SER A 416 -13.87 18.80 15.13
CA SER A 416 -13.96 17.36 15.02
C SER A 416 -15.24 16.94 14.32
N PRO A 417 -15.33 17.24 13.00
CA PRO A 417 -16.62 17.11 12.36
C PRO A 417 -17.14 15.70 12.13
N LEU A 418 -16.30 14.66 12.27
CA LEU A 418 -16.73 13.31 12.08
C LEU A 418 -16.72 12.47 13.38
N ALA A 419 -16.40 13.11 14.50
CA ALA A 419 -16.35 12.45 15.80
C ALA A 419 -17.70 12.60 16.51
N LYS A 420 -18.12 11.55 17.17
CA LYS A 420 -19.43 11.55 17.85
C LYS A 420 -19.38 12.41 19.12
N TRP A 421 -20.47 13.11 19.30
CA TRP A 421 -20.60 13.97 20.53
C TRP A 421 -20.28 13.21 21.79
N HIS A 422 -19.71 13.87 22.77
CA HIS A 422 -19.28 13.19 24.01
C HIS A 422 -20.54 12.82 24.81
N ARG A 423 -20.53 11.63 25.36
CA ARG A 423 -21.72 11.16 26.12
C ARG A 423 -21.95 11.93 27.39
N GLU A 424 -20.93 12.57 27.90
CA GLU A 424 -21.03 13.41 29.15
C GLU A 424 -20.73 14.89 29.02
N LYS A 425 -19.79 15.27 28.14
CA LYS A 425 -19.27 16.62 28.11
C LYS A 425 -19.87 17.47 27.02
N PRO A 426 -20.66 18.52 27.36
CA PRO A 426 -21.22 19.40 26.36
C PRO A 426 -20.13 19.96 25.45
N GLU A 427 -20.44 20.00 24.17
CA GLU A 427 -19.60 20.63 23.10
C GLU A 427 -18.34 19.88 22.72
N MET A 428 -18.05 18.78 23.39
CA MET A 428 -16.90 17.98 23.11
C MET A 428 -17.32 16.70 22.35
N THR A 429 -16.32 15.91 21.98
CA THR A 429 -16.44 14.67 21.21
C THR A 429 -15.65 13.58 21.88
N GLU A 430 -15.94 12.34 21.47
CA GLU A 430 -15.25 11.15 21.97
C GLU A 430 -14.05 10.89 21.06
N ARG A 431 -13.03 11.74 21.23
CA ARG A 431 -11.87 11.75 20.40
C ARG A 431 -10.60 11.71 21.22
N PHE A 432 -9.56 11.08 20.70
CA PHE A 432 -8.22 11.27 21.23
C PHE A 432 -7.22 11.41 20.14
N GLU A 433 -6.15 12.08 20.46
CA GLU A 433 -4.92 12.02 19.71
C GLU A 433 -3.82 11.47 20.62
N LEU A 434 -2.96 10.63 20.10
CA LEU A 434 -1.78 10.23 20.83
C LEU A 434 -0.62 11.13 20.42
N PHE A 435 0.13 11.64 21.38
CA PHE A 435 1.33 12.43 21.14
C PHE A 435 2.50 11.77 21.83
N VAL A 436 3.64 11.74 21.15
CA VAL A 436 4.92 11.30 21.76
C VAL A 436 5.96 12.39 21.43
N LEU A 437 6.68 12.87 22.45
CA LEU A 437 7.63 13.99 22.30
C LEU A 437 7.07 15.13 21.45
N GLY A 438 5.84 15.48 21.80
CA GLY A 438 5.18 16.62 21.19
C GLY A 438 4.71 16.41 19.79
N LYS A 439 4.77 15.20 19.24
CA LYS A 439 4.40 14.91 17.87
C LYS A 439 3.19 13.99 17.84
N GLU A 440 2.27 14.31 16.94
CA GLU A 440 1.05 13.47 16.81
C GLU A 440 1.37 12.16 16.11
N LEU A 441 0.96 11.06 16.75
CA LEU A 441 1.10 9.71 16.20
C LEU A 441 -0.22 9.09 15.79
N CYS A 442 -1.28 9.28 16.55
CA CYS A 442 -2.57 8.69 16.25
C CYS A 442 -3.68 9.69 16.45
N ASN A 443 -4.81 9.42 15.82
CA ASN A 443 -6.04 10.19 15.92
C ASN A 443 -7.16 9.17 15.83
N ALA A 444 -8.15 9.26 16.70
CA ALA A 444 -9.19 8.22 16.81
C ALA A 444 -10.42 8.72 17.47
N TYR A 445 -11.57 8.11 17.18
CA TYR A 445 -12.79 8.52 17.84
C TYR A 445 -13.89 7.50 17.82
N THR A 446 -14.85 7.66 18.73
CA THR A 446 -16.16 7.05 18.51
C THR A 446 -16.74 7.74 17.28
N GLU A 447 -17.14 6.99 16.27
CA GLU A 447 -17.51 7.57 14.99
C GLU A 447 -18.85 8.22 15.02
N LEU A 448 -18.97 9.44 14.50
CA LEU A 448 -20.32 9.99 14.36
C LEU A 448 -21.15 9.11 13.41
N ASN A 449 -22.35 8.66 13.83
CA ASN A 449 -23.19 7.81 13.00
C ASN A 449 -24.60 8.39 12.89
N GLU A 450 -24.77 9.66 13.24
CA GLU A 450 -26.12 10.30 13.24
C GLU A 450 -26.10 11.24 12.04
N PRO A 451 -26.88 10.94 11.01
CA PRO A 451 -26.78 11.74 9.79
C PRO A 451 -27.17 13.20 9.78
N LEU A 452 -28.11 13.66 10.58
CA LEU A 452 -28.57 15.02 10.59
C LEU A 452 -27.40 15.87 11.11
N GLN A 453 -26.82 15.47 12.26
CA GLN A 453 -25.62 16.16 12.77
C GLN A 453 -24.46 16.09 11.81
N GLN A 454 -24.26 14.94 11.20
CA GLN A 454 -23.19 14.82 10.27
C GLN A 454 -23.29 15.82 9.13
N ARG A 455 -24.47 15.96 8.58
CA ARG A 455 -24.68 16.93 7.51
C ARG A 455 -24.39 18.33 8.00
N LYS A 456 -24.84 18.67 9.19
CA LYS A 456 -24.63 20.03 9.72
C LYS A 456 -23.12 20.34 9.89
N PHE A 457 -22.35 19.39 10.39
CA PHE A 457 -20.92 19.65 10.53
C PHE A 457 -20.23 19.71 9.21
N PHE A 458 -20.67 18.95 8.21
CA PHE A 458 -20.12 19.06 6.86
C PHE A 458 -20.43 20.41 6.27
N GLU A 459 -21.64 20.93 6.50
CA GLU A 459 -21.97 22.29 6.01
C GLU A 459 -21.05 23.34 6.68
N GLN A 460 -20.80 23.20 7.99
CA GLN A 460 -19.89 24.09 8.65
C GLN A 460 -18.46 24.00 8.09
N GLN A 461 -18.02 22.79 7.74
CA GLN A 461 -16.72 22.61 7.10
C GLN A 461 -16.69 23.31 5.72
N ALA A 462 -17.75 23.08 4.94
CA ALA A 462 -17.83 23.72 3.59
C ALA A 462 -17.78 25.22 3.78
N ASP A 463 -18.43 25.72 4.82
CA ASP A 463 -18.41 27.22 5.04
C ASP A 463 -17.00 27.70 5.38
N ALA A 464 -16.29 26.98 6.23
CA ALA A 464 -14.89 27.27 6.52
C ALA A 464 -14.01 27.22 5.29
N LYS A 465 -14.19 26.22 4.44
CA LYS A 465 -13.44 26.14 3.20
C LYS A 465 -13.68 27.36 2.31
N ALA A 466 -14.94 27.72 2.19
CA ALA A 466 -15.30 28.89 1.35
C ALA A 466 -14.66 30.16 1.91
N SER A 467 -14.48 30.23 3.23
CA SER A 467 -13.90 31.38 3.86
C SER A 467 -12.34 31.37 3.84
N GLY A 468 -11.74 30.38 3.17
CA GLY A 468 -10.31 30.31 2.97
C GLY A 468 -9.56 29.32 3.82
N ASP A 469 -10.28 28.42 4.48
CA ASP A 469 -9.62 27.37 5.25
C ASP A 469 -9.30 26.20 4.32
N VAL A 470 -8.03 26.15 3.93
CA VAL A 470 -7.59 25.17 2.89
C VAL A 470 -7.58 23.73 3.44
N GLU A 471 -7.76 23.61 4.75
CA GLU A 471 -7.80 22.30 5.39
C GLU A 471 -9.21 21.79 5.67
N ALA A 472 -10.22 22.58 5.34
CA ALA A 472 -11.58 22.17 5.54
C ALA A 472 -12.12 21.47 4.33
N CYS A 473 -12.95 20.44 4.55
CA CYS A 473 -13.37 19.57 3.48
C CYS A 473 -14.77 19.90 2.94
N PRO A 474 -15.03 19.59 1.68
CA PRO A 474 -16.38 19.81 1.12
C PRO A 474 -17.37 18.79 1.69
N ILE A 475 -18.67 19.08 1.52
CA ILE A 475 -19.70 18.07 1.89
C ILE A 475 -19.59 16.89 0.92
N ASP A 476 -19.63 15.68 1.46
CA ASP A 476 -19.71 14.46 0.68
C ASP A 476 -21.08 13.79 0.85
N GLU A 477 -21.95 14.03 -0.12
CA GLU A 477 -23.28 13.44 -0.13
C GLU A 477 -23.29 11.95 -0.19
N THR A 478 -22.36 11.34 -0.92
CA THR A 478 -22.23 9.87 -0.99
C THR A 478 -22.08 9.33 0.43
N PHE A 479 -21.28 10.03 1.28
CA PHE A 479 -21.08 9.54 2.63
C PHE A 479 -22.33 9.73 3.52
N CYS A 480 -22.99 10.89 3.41
CA CYS A 480 -24.24 11.11 4.14
C CYS A 480 -25.32 10.11 3.77
N LEU A 481 -25.38 9.73 2.48
CA LEU A 481 -26.31 8.68 2.03
C LEU A 481 -25.96 7.32 2.63
N ALA A 482 -24.66 7.03 2.73
CA ALA A 482 -24.22 5.82 3.48
C ALA A 482 -24.66 5.84 4.93
N LEU A 483 -24.49 6.98 5.61
CA LEU A 483 -24.90 7.03 7.03
C LEU A 483 -26.40 6.79 7.14
N GLU A 484 -27.15 7.25 6.15
CA GLU A 484 -28.61 6.98 6.19
C GLU A 484 -28.98 5.53 6.06
N HIS A 485 -28.05 4.65 5.66
CA HIS A 485 -28.29 3.24 5.71
C HIS A 485 -27.94 2.56 7.05
N GLY A 486 -27.37 3.34 7.99
CA GLY A 486 -27.14 2.83 9.30
C GLY A 486 -25.70 2.39 9.52
N LEU A 487 -24.90 3.30 10.04
CA LEU A 487 -23.56 2.93 10.53
C LEU A 487 -23.69 2.38 11.94
N PRO A 488 -23.36 1.13 12.22
CA PRO A 488 -23.36 0.69 13.60
C PRO A 488 -22.50 1.58 14.52
N PRO A 489 -22.79 1.61 15.83
CA PRO A 489 -21.79 2.19 16.74
C PRO A 489 -20.45 1.60 16.42
N THR A 490 -19.44 2.45 16.19
CA THR A 490 -18.15 2.07 15.64
C THR A 490 -17.06 2.96 16.22
N GLY A 491 -15.86 2.41 16.35
CA GLY A 491 -14.64 3.10 16.75
C GLY A 491 -13.65 3.07 15.63
N GLY A 492 -13.07 4.18 15.24
CA GLY A 492 -12.05 4.16 14.22
C GLY A 492 -10.81 4.87 14.65
N TRP A 493 -9.75 4.66 13.91
CA TRP A 493 -8.40 5.01 14.41
C TRP A 493 -7.41 5.11 13.28
N GLY A 494 -6.46 6.02 13.42
CA GLY A 494 -5.34 6.14 12.44
C GLY A 494 -4.02 6.31 13.15
N LEU A 495 -3.01 5.69 12.55
CA LEU A 495 -1.67 5.77 12.99
C LEU A 495 -0.72 6.18 11.87
N GLY A 496 0.16 7.14 12.16
CA GLY A 496 1.22 7.58 11.20
C GLY A 496 2.39 6.64 11.32
N ILE A 497 2.54 5.77 10.35
CA ILE A 497 3.57 4.73 10.40
C ILE A 497 4.95 5.40 10.36
N ASP A 498 5.13 6.41 9.50
CA ASP A 498 6.49 6.97 9.42
C ASP A 498 6.93 7.53 10.78
N ARG A 499 6.03 8.27 11.40
CA ARG A 499 6.40 8.86 12.70
C ARG A 499 6.60 7.81 13.78
N LEU A 500 5.89 6.69 13.70
CA LEU A 500 6.14 5.56 14.57
C LEU A 500 7.56 5.02 14.39
N ILE A 501 7.96 4.84 13.14
CA ILE A 501 9.32 4.36 12.86
C ILE A 501 10.39 5.36 13.35
N MET A 502 10.16 6.67 13.28
CA MET A 502 11.09 7.64 13.84
C MET A 502 11.33 7.32 15.32
N PHE A 503 10.29 7.06 16.10
CA PHE A 503 10.55 6.74 17.50
C PHE A 503 11.15 5.37 17.70
N LEU A 504 10.67 4.37 17.00
CA LEU A 504 11.21 3.00 17.17
C LEU A 504 12.67 2.87 16.78
N ALA A 505 13.05 3.57 15.71
CA ALA A 505 14.39 3.45 15.11
C ALA A 505 15.32 4.58 15.59
N ASP A 506 14.81 5.47 16.46
CA ASP A 506 15.52 6.70 16.97
C ASP A 506 16.08 7.57 15.89
N LYS A 507 15.17 8.13 15.15
CA LYS A 507 15.48 9.09 14.10
C LYS A 507 14.71 10.35 14.39
N ASN A 508 15.31 11.53 14.21
CA ASN A 508 14.57 12.76 14.41
C ASN A 508 14.15 13.50 13.15
N ASN A 509 14.31 12.87 11.98
CA ASN A 509 13.99 13.47 10.75
C ASN A 509 13.27 12.38 9.93
N ILE A 510 12.05 12.70 9.50
CA ILE A 510 11.25 11.76 8.70
C ILE A 510 11.93 11.33 7.42
N LYS A 511 12.87 12.14 6.95
CA LYS A 511 13.65 11.73 5.75
C LYS A 511 14.48 10.46 5.99
N GLU A 512 14.81 10.14 7.25
CA GLU A 512 15.52 8.90 7.60
C GLU A 512 14.73 7.67 7.46
N VAL A 513 13.39 7.78 7.45
CA VAL A 513 12.57 6.59 7.47
C VAL A 513 11.73 6.39 6.19
N ILE A 514 11.92 7.24 5.20
CA ILE A 514 11.25 7.20 3.88
C ILE A 514 12.35 7.07 2.85
N LEU A 515 12.26 6.08 1.99
CA LEU A 515 13.37 5.86 1.05
C LEU A 515 13.73 7.05 0.15
N PHE A 516 12.70 7.64 -0.45
CA PHE A 516 12.89 8.69 -1.40
C PHE A 516 12.06 9.93 -0.98
N PRO A 517 12.50 10.58 0.09
CA PRO A 517 11.64 11.68 0.57
C PRO A 517 11.66 12.89 -0.35
N ALA A 518 10.64 13.70 -0.23
CA ALA A 518 10.55 14.94 -1.02
C ALA A 518 11.62 15.95 -0.61
N MET A 519 12.25 16.55 -1.61
CA MET A 519 13.42 17.42 -1.36
C MET A 519 13.12 18.73 -2.12
N ARG A 520 13.50 19.88 -1.55
CA ARG A 520 13.51 21.16 -2.33
C ARG A 520 14.35 21.15 -3.66
N ASN A 521 14.07 22.12 -4.57
CA ASN A 521 14.59 22.14 -5.98
C ASN A 521 16.09 21.81 -6.15
N SER B 21 -38.27 10.90 -0.91
CA SER B 21 -39.01 9.75 -0.29
C SER B 21 -39.64 10.07 1.10
N HIS B 22 -40.94 9.74 1.16
CA HIS B 22 -41.72 9.79 2.37
C HIS B 22 -41.07 8.88 3.47
N TYR B 23 -40.61 7.67 3.11
CA TYR B 23 -40.05 6.75 4.10
C TYR B 23 -38.89 7.38 4.84
N THR B 24 -37.96 7.95 4.08
CA THR B 24 -36.84 8.65 4.69
C THR B 24 -37.24 9.87 5.55
N ASP B 25 -38.06 10.79 5.02
CA ASP B 25 -38.54 11.94 5.80
C ASP B 25 -39.19 11.53 7.13
N ASN B 26 -40.09 10.55 7.02
CA ASN B 26 -40.79 9.93 8.18
C ASN B 26 -39.80 9.37 9.20
N ARG B 27 -38.78 8.67 8.71
CA ARG B 27 -37.83 8.10 9.65
C ARG B 27 -37.09 9.19 10.37
N TYR B 28 -36.73 10.29 9.68
CA TYR B 28 -36.15 11.42 10.40
C TYR B 28 -37.05 11.99 11.52
N LYS B 29 -38.35 12.03 11.21
CA LYS B 29 -39.36 12.54 12.14
C LYS B 29 -39.44 11.61 13.33
N MET B 30 -39.49 10.29 13.08
CA MET B 30 -39.53 9.31 14.15
C MET B 30 -38.35 9.50 15.07
N MET B 31 -37.17 9.74 14.49
CA MET B 31 -35.96 9.86 15.32
C MET B 31 -35.93 11.14 16.16
N GLU B 32 -36.44 12.22 15.59
CA GLU B 32 -36.62 13.44 16.37
C GLU B 32 -37.61 13.22 17.55
N CYS B 33 -38.72 12.56 17.27
CA CYS B 33 -39.69 12.21 18.29
C CYS B 33 -39.07 11.39 19.39
N ILE B 34 -38.26 10.39 19.02
CA ILE B 34 -37.59 9.59 20.00
C ILE B 34 -36.64 10.45 20.86
N LYS B 35 -35.82 11.29 20.21
CA LYS B 35 -34.89 12.21 20.89
C LYS B 35 -35.64 13.06 21.92
N ASP B 36 -36.74 13.66 21.48
CA ASP B 36 -37.51 14.60 22.33
C ASP B 36 -38.23 13.96 23.48
N ALA B 37 -38.62 12.71 23.30
CA ALA B 37 -39.18 11.87 24.36
C ALA B 37 -38.19 11.40 25.41
N GLY B 38 -36.89 11.62 25.22
CA GLY B 38 -35.90 11.05 26.10
C GLY B 38 -35.68 9.55 25.96
N ARG B 39 -36.07 8.96 24.84
CA ARG B 39 -35.88 7.55 24.63
C ARG B 39 -34.51 7.36 23.98
N PRO B 40 -34.01 6.12 23.91
CA PRO B 40 -32.63 5.91 23.39
C PRO B 40 -32.42 6.44 21.98
N PHE B 41 -31.40 7.31 21.82
CA PHE B 41 -31.13 8.01 20.57
C PHE B 41 -29.64 7.81 20.28
N TYR B 42 -29.37 6.87 19.37
CA TYR B 42 -27.97 6.61 19.00
C TYR B 42 -27.06 6.37 20.18
N PRO B 43 -27.30 5.32 20.93
CA PRO B 43 -26.44 5.02 22.05
C PRO B 43 -24.96 4.87 21.64
N HIS B 44 -24.07 5.41 22.48
CA HIS B 44 -22.62 5.47 22.20
C HIS B 44 -22.01 4.11 22.20
N LYS B 45 -22.38 3.20 23.16
CA LYS B 45 -21.69 1.91 23.35
C LYS B 45 -22.72 0.85 23.64
N PHE B 46 -22.72 -0.23 22.88
CA PHE B 46 -23.50 -1.41 23.21
C PHE B 46 -22.54 -2.55 23.39
N LYS B 47 -22.50 -3.10 24.62
CA LYS B 47 -21.53 -4.13 24.95
C LYS B 47 -22.13 -5.47 24.67
N ILE B 48 -21.66 -6.15 23.64
CA ILE B 48 -22.17 -7.49 23.30
C ILE B 48 -21.59 -8.50 24.28
N SER B 49 -22.30 -9.58 24.52
CA SER B 49 -21.78 -10.67 25.33
C SER B 49 -20.82 -11.53 24.52
N MET B 50 -21.08 -11.70 23.25
CA MET B 50 -20.33 -12.52 22.36
C MET B 50 -20.81 -12.14 20.96
N SER B 51 -20.05 -12.52 19.97
CA SER B 51 -20.39 -12.39 18.57
C SER B 51 -21.53 -13.28 18.15
N LEU B 52 -22.18 -12.98 17.03
CA LEU B 52 -23.22 -13.96 16.52
C LEU B 52 -22.61 -15.32 16.12
N PRO B 53 -21.44 -15.32 15.48
CA PRO B 53 -20.78 -16.63 15.24
C PRO B 53 -20.45 -17.37 16.54
N ALA B 54 -20.01 -16.70 17.59
CA ALA B 54 -19.70 -17.38 18.87
C ALA B 54 -20.97 -17.93 19.53
N TYR B 55 -22.05 -17.18 19.40
CA TYR B 55 -23.38 -17.56 19.91
C TYR B 55 -23.87 -18.82 19.23
N ALA B 56 -23.73 -18.88 17.91
CA ALA B 56 -24.14 -20.04 17.13
C ALA B 56 -23.29 -21.27 17.46
N LEU B 57 -21.99 -21.09 17.68
CA LEU B 57 -21.13 -22.22 18.05
C LEU B 57 -21.49 -22.70 19.48
N LYS B 58 -21.75 -21.79 20.40
CA LYS B 58 -22.02 -22.17 21.78
C LYS B 58 -23.37 -22.90 21.89
N TYR B 59 -24.39 -22.41 21.19
CA TYR B 59 -25.76 -22.89 21.45
C TYR B 59 -26.41 -23.63 20.31
N GLY B 60 -25.74 -23.74 19.18
CA GLY B 60 -26.37 -24.20 17.96
C GLY B 60 -26.80 -25.66 17.92
N ASN B 61 -26.26 -26.50 18.80
CA ASN B 61 -26.70 -27.90 18.80
C ASN B 61 -27.38 -28.29 20.13
N VAL B 62 -27.95 -27.32 20.85
CA VAL B 62 -28.80 -27.63 22.00
C VAL B 62 -30.10 -28.31 21.53
N GLU B 63 -30.84 -28.89 22.48
CA GLU B 63 -32.14 -29.55 22.20
C GLU B 63 -33.21 -28.54 21.76
N ASN B 64 -34.03 -28.90 20.76
CA ASN B 64 -35.19 -28.09 20.38
C ASN B 64 -36.02 -27.69 21.59
N GLY B 65 -36.43 -26.42 21.63
CA GLY B 65 -37.16 -25.89 22.77
C GLY B 65 -36.33 -25.58 23.99
N TYR B 66 -35.02 -25.80 23.96
CA TYR B 66 -34.18 -25.48 25.12
C TYR B 66 -34.13 -23.98 25.36
N ILE B 67 -34.18 -23.61 26.64
CA ILE B 67 -33.99 -22.24 27.04
C ILE B 67 -33.23 -22.22 28.36
N ASP B 68 -32.25 -21.35 28.47
CA ASP B 68 -31.60 -21.16 29.75
C ASP B 68 -31.99 -19.84 30.36
N LYS B 69 -32.98 -19.87 31.24
CA LYS B 69 -33.42 -18.64 31.86
C LYS B 69 -32.47 -18.05 32.87
N ASP B 70 -31.42 -18.78 33.23
CA ASP B 70 -30.42 -18.30 34.18
C ASP B 70 -29.30 -17.50 33.54
N THR B 71 -29.24 -17.45 32.21
CA THR B 71 -28.13 -16.76 31.52
C THR B 71 -28.73 -15.63 30.69
N THR B 72 -28.30 -14.41 30.94
CA THR B 72 -28.75 -13.23 30.18
C THR B 72 -27.57 -12.80 29.28
N LEU B 73 -27.85 -12.61 28.00
CA LEU B 73 -26.86 -12.30 27.03
C LEU B 73 -27.34 -11.07 26.23
N SER B 74 -26.37 -10.31 25.71
CA SER B 74 -26.63 -9.15 24.85
C SER B 74 -26.04 -9.44 23.49
N LEU B 75 -26.80 -9.27 22.43
CA LEU B 75 -26.41 -9.62 21.06
C LEU B 75 -26.79 -8.40 20.19
N SER B 76 -26.09 -8.22 19.09
CA SER B 76 -26.41 -7.18 18.13
C SER B 76 -26.16 -7.56 16.71
N GLY B 77 -26.93 -7.00 15.77
CA GLY B 77 -26.68 -7.12 14.38
C GLY B 77 -27.65 -6.25 13.61
N ARG B 78 -27.73 -6.45 12.31
CA ARG B 78 -28.64 -5.70 11.43
C ARG B 78 -29.89 -6.56 11.26
N VAL B 79 -31.04 -5.95 11.43
CA VAL B 79 -32.35 -6.67 11.28
C VAL B 79 -32.59 -6.99 9.81
N THR B 80 -32.70 -8.27 9.48
CA THR B 80 -32.98 -8.66 8.09
C THR B 80 -34.47 -9.05 7.85
N SER B 81 -35.18 -9.30 8.94
CA SER B 81 -36.61 -9.75 8.92
C SER B 81 -37.30 -9.36 10.19
N ILE B 82 -38.57 -8.90 10.05
CA ILE B 82 -39.48 -8.65 11.17
C ILE B 82 -40.81 -9.33 10.83
N ARG B 83 -41.30 -10.14 11.75
CA ARG B 83 -42.63 -10.77 11.56
C ARG B 83 -43.35 -10.52 12.87
N SER B 84 -44.29 -9.57 12.89
CA SER B 84 -45.16 -9.41 14.08
C SER B 84 -46.29 -10.42 13.92
N SER B 85 -46.07 -11.59 14.51
CA SER B 85 -46.98 -12.72 14.40
C SER B 85 -48.32 -12.49 15.09
N SER B 86 -48.28 -11.77 16.21
CA SER B 86 -49.48 -11.47 16.99
C SER B 86 -49.21 -10.19 17.76
N SER B 87 -50.20 -9.72 18.50
CA SER B 87 -50.04 -8.52 19.29
C SER B 87 -49.03 -8.75 20.41
N LYS B 88 -48.73 -10.01 20.72
CA LYS B 88 -47.93 -10.34 21.86
C LYS B 88 -46.51 -10.87 21.50
N LEU B 89 -46.24 -11.08 20.22
CA LEU B 89 -45.09 -11.87 19.79
C LEU B 89 -44.55 -11.39 18.49
N ILE B 90 -43.23 -11.06 18.51
CA ILE B 90 -42.54 -10.57 17.32
C ILE B 90 -41.27 -11.40 17.15
N PHE B 91 -41.05 -11.80 15.91
CA PHE B 91 -39.86 -12.53 15.51
C PHE B 91 -38.98 -11.62 14.66
N TYR B 92 -37.68 -11.55 15.03
CA TYR B 92 -36.66 -10.89 14.20
C TYR B 92 -35.63 -11.87 13.70
N ASP B 93 -35.05 -11.60 12.55
CA ASP B 93 -33.70 -12.14 12.30
C ASP B 93 -32.72 -10.95 12.38
N ILE B 94 -31.60 -11.17 13.05
CA ILE B 94 -30.45 -10.22 12.96
C ILE B 94 -29.33 -10.92 12.27
N PHE B 95 -28.43 -10.13 11.66
CA PHE B 95 -27.32 -10.71 10.88
C PHE B 95 -26.07 -9.94 11.26
N CYS B 96 -24.97 -10.65 11.54
CA CYS B 96 -23.72 -9.96 11.93
C CYS B 96 -22.61 -10.98 11.76
N GLU B 97 -21.49 -10.52 11.18
CA GLU B 97 -20.31 -11.36 10.99
C GLU B 97 -20.65 -12.69 10.35
N GLU B 98 -21.46 -12.63 9.28
CA GLU B 98 -21.84 -13.75 8.46
C GLU B 98 -22.79 -14.73 9.14
N GLN B 99 -23.40 -14.37 10.27
CA GLN B 99 -24.25 -15.34 11.03
C GLN B 99 -25.61 -14.68 11.27
N LYS B 100 -26.66 -15.46 11.02
CA LYS B 100 -28.01 -15.06 11.36
C LYS B 100 -28.42 -15.68 12.68
N VAL B 101 -29.18 -14.93 13.48
CA VAL B 101 -29.73 -15.41 14.75
C VAL B 101 -31.15 -14.89 14.83
N GLN B 102 -32.09 -15.76 15.18
CA GLN B 102 -33.49 -15.31 15.44
C GLN B 102 -33.65 -14.75 16.84
N ILE B 103 -34.45 -13.67 16.96
CA ILE B 103 -34.84 -13.14 18.22
C ILE B 103 -36.36 -13.31 18.36
N ILE B 104 -36.73 -13.86 19.48
CA ILE B 104 -38.18 -14.06 19.76
C ILE B 104 -38.52 -13.16 20.90
N ALA B 105 -39.35 -12.16 20.61
CA ALA B 105 -39.75 -11.13 21.55
C ALA B 105 -41.23 -11.33 21.94
N ASN B 106 -41.38 -11.84 23.14
CA ASN B 106 -42.68 -12.09 23.80
C ASN B 106 -42.95 -11.04 24.84
N ILE B 107 -44.15 -10.47 24.78
CA ILE B 107 -44.56 -9.43 25.68
C ILE B 107 -44.39 -9.79 27.17
N MET B 108 -44.57 -11.07 27.51
CA MET B 108 -44.47 -11.54 28.90
C MET B 108 -43.03 -11.51 29.42
N GLU B 109 -42.02 -11.42 28.52
CA GLU B 109 -40.63 -11.23 28.95
C GLU B 109 -40.14 -9.79 28.91
N HIS B 110 -40.96 -8.85 28.43
CA HIS B 110 -40.47 -7.52 28.18
C HIS B 110 -40.20 -6.73 29.44
N ASP B 111 -39.01 -6.09 29.50
CA ASP B 111 -38.62 -5.23 30.61
C ASP B 111 -39.26 -3.89 30.40
N ILE B 112 -40.30 -3.61 31.17
CA ILE B 112 -41.12 -2.38 30.98
C ILE B 112 -40.40 -1.09 31.35
N SER B 113 -39.26 -1.16 32.03
CA SER B 113 -38.44 0.05 32.30
C SER B 113 -37.74 0.59 31.05
N THR B 114 -37.73 -0.17 29.95
CA THR B 114 -37.26 0.33 28.64
C THR B 114 -38.38 0.94 27.85
N GLY B 115 -39.61 0.83 28.34
CA GLY B 115 -40.76 1.30 27.62
C GLY B 115 -41.81 0.22 27.56
N GLU B 116 -43.02 0.63 27.24
CA GLU B 116 -44.06 -0.34 26.99
C GLU B 116 -43.69 -1.20 25.74
N PHE B 117 -43.93 -2.50 25.78
CA PHE B 117 -43.58 -3.42 24.66
C PHE B 117 -43.93 -2.89 23.24
N SER B 118 -45.17 -2.46 23.00
CA SER B 118 -45.51 -1.95 21.70
C SER B 118 -44.71 -0.70 21.33
N VAL B 119 -44.41 0.19 22.27
CA VAL B 119 -43.60 1.38 21.99
C VAL B 119 -42.19 0.97 21.55
N SER B 120 -41.59 0.12 22.35
CA SER B 120 -40.19 -0.34 22.11
C SER B 120 -40.09 -0.95 20.73
N HIS B 121 -40.99 -1.85 20.38
CA HIS B 121 -40.87 -2.50 19.07
C HIS B 121 -41.35 -1.69 17.86
N SER B 122 -42.20 -0.73 18.10
CA SER B 122 -42.63 0.21 17.07
C SER B 122 -41.53 1.07 16.52
N GLU B 123 -40.43 1.23 17.26
CA GLU B 123 -39.28 2.01 16.80
C GLU B 123 -38.37 1.27 15.85
N ILE B 124 -38.62 -0.02 15.65
CA ILE B 124 -37.71 -0.89 14.92
C ILE B 124 -38.23 -1.18 13.52
N ARG B 125 -37.32 -1.20 12.54
CA ARG B 125 -37.63 -1.46 11.16
C ARG B 125 -36.59 -2.37 10.54
N ARG B 126 -36.99 -3.12 9.51
CA ARG B 126 -36.05 -3.85 8.70
C ARG B 126 -34.86 -2.96 8.28
N GLY B 127 -33.64 -3.47 8.40
CA GLY B 127 -32.42 -2.72 8.10
C GLY B 127 -31.79 -2.06 9.30
N ASP B 128 -32.48 -1.87 10.40
CA ASP B 128 -31.90 -1.18 11.54
C ASP B 128 -30.79 -1.98 12.17
N VAL B 129 -29.80 -1.28 12.71
CA VAL B 129 -28.83 -1.94 13.59
C VAL B 129 -29.36 -1.84 15.02
N VAL B 130 -29.53 -3.02 15.64
CA VAL B 130 -30.15 -3.11 16.95
C VAL B 130 -29.40 -4.00 17.89
N GLY B 131 -29.63 -3.80 19.17
CA GLY B 131 -29.21 -4.72 20.19
C GLY B 131 -30.39 -5.36 20.90
N PHE B 132 -30.21 -6.59 21.36
CA PHE B 132 -31.24 -7.28 22.16
C PHE B 132 -30.54 -7.86 23.39
N THR B 133 -31.29 -7.98 24.47
CA THR B 133 -30.78 -8.74 25.61
C THR B 133 -31.84 -9.77 25.93
N GLY B 134 -31.39 -10.97 26.31
CA GLY B 134 -32.33 -12.07 26.62
C GLY B 134 -31.65 -13.35 27.00
N PHE B 135 -32.43 -14.42 26.85
CA PHE B 135 -32.05 -15.73 27.26
C PHE B 135 -31.79 -16.59 26.08
N PRO B 136 -30.76 -17.45 26.18
CA PRO B 136 -30.41 -18.24 25.05
C PRO B 136 -31.17 -19.51 24.91
N GLY B 137 -31.20 -20.02 23.70
CA GLY B 137 -31.94 -21.23 23.39
C GLY B 137 -32.26 -21.55 21.95
N LYS B 138 -33.24 -22.42 21.80
CA LYS B 138 -33.70 -22.87 20.52
C LYS B 138 -35.23 -22.92 20.56
N SER B 139 -35.87 -22.51 19.46
CA SER B 139 -37.35 -22.64 19.36
C SER B 139 -37.72 -24.11 19.15
N LYS B 140 -39.00 -24.41 19.36
CA LYS B 140 -39.58 -25.73 19.10
C LYS B 140 -39.28 -26.24 17.70
N ARG B 141 -39.45 -25.37 16.68
CA ARG B 141 -39.13 -25.72 15.29
C ARG B 141 -37.60 -25.89 15.05
N GLY B 142 -36.77 -25.75 16.10
CA GLY B 142 -35.30 -25.95 16.04
C GLY B 142 -34.42 -24.78 15.58
N GLU B 143 -34.95 -23.53 15.66
CA GLU B 143 -34.20 -22.32 15.27
C GLU B 143 -33.40 -21.80 16.45
N LEU B 144 -32.09 -21.69 16.26
CA LEU B 144 -31.22 -20.96 17.14
C LEU B 144 -31.82 -19.57 17.43
N SER B 145 -32.07 -19.26 18.70
CA SER B 145 -32.78 -18.03 19.09
C SER B 145 -32.27 -17.39 20.33
N LEU B 146 -32.55 -16.09 20.48
CA LEU B 146 -32.45 -15.39 21.72
C LEU B 146 -33.88 -15.04 22.16
N PHE B 147 -34.23 -15.36 23.40
CA PHE B 147 -35.58 -15.01 23.86
C PHE B 147 -35.45 -13.74 24.60
N SER B 148 -35.85 -12.65 23.93
CA SER B 148 -35.50 -11.34 24.39
C SER B 148 -36.33 -10.71 25.47
N LYS B 149 -35.68 -9.86 26.24
CA LYS B 149 -36.28 -9.03 27.22
C LYS B 149 -36.30 -7.58 26.86
N SER B 150 -35.42 -7.16 25.95
CA SER B 150 -35.34 -5.75 25.64
C SER B 150 -34.81 -5.68 24.21
N VAL B 151 -35.00 -4.49 23.65
CA VAL B 151 -34.50 -4.14 22.31
C VAL B 151 -34.01 -2.68 22.41
N VAL B 152 -32.88 -2.38 21.72
CA VAL B 152 -32.29 -1.04 21.73
C VAL B 152 -32.02 -0.72 20.27
N LEU B 153 -32.55 0.39 19.79
CA LEU B 153 -32.27 0.85 18.44
C LEU B 153 -30.90 1.55 18.46
N LEU B 154 -29.91 0.98 17.77
CA LEU B 154 -28.55 1.55 17.76
C LEU B 154 -28.34 2.49 16.63
N SER B 155 -28.75 2.11 15.43
CA SER B 155 -28.51 2.96 14.25
C SER B 155 -29.60 2.62 13.22
N PRO B 156 -30.61 3.46 13.07
CA PRO B 156 -31.68 3.19 12.11
C PRO B 156 -31.30 3.28 10.66
N CYS B 157 -31.95 2.50 9.81
CA CYS B 157 -31.86 2.61 8.36
C CYS B 157 -33.00 3.49 7.88
N TYR B 158 -32.68 4.53 7.16
CA TYR B 158 -33.67 5.54 6.72
C TYR B 158 -34.24 5.23 5.30
N HIS B 159 -33.91 4.07 4.75
CA HIS B 159 -34.30 3.67 3.40
C HIS B 159 -34.92 2.29 3.42
N MET B 160 -35.94 2.06 2.59
CA MET B 160 -36.47 0.72 2.43
C MET B 160 -35.53 -0.13 1.62
N LEU B 161 -35.12 -1.23 2.18
CA LEU B 161 -34.10 -1.99 1.53
C LEU B 161 -34.72 -2.98 0.58
N PRO B 162 -34.06 -3.22 -0.57
CA PRO B 162 -34.38 -4.34 -1.44
C PRO B 162 -34.15 -5.58 -0.69
N THR B 163 -34.89 -6.62 -1.03
CA THR B 163 -34.73 -7.94 -0.44
C THR B 163 -33.38 -8.61 -0.86
N ALA B 164 -32.95 -8.38 -2.11
CA ALA B 164 -31.69 -8.93 -2.66
C ALA B 164 -31.21 -7.92 -3.72
N ILE B 165 -29.98 -8.02 -4.25
CA ILE B 165 -29.52 -6.97 -5.19
C ILE B 165 -28.71 -7.47 -6.37
N GLN B 171 -26.20 -3.75 -11.26
CA GLN B 171 -24.77 -3.60 -11.11
C GLN B 171 -24.40 -2.14 -10.77
N GLU B 172 -25.11 -1.14 -11.33
CA GLU B 172 -24.70 0.25 -11.11
C GLU B 172 -24.77 0.64 -9.64
N VAL B 173 -25.86 0.28 -8.97
CA VAL B 173 -25.99 0.56 -7.54
C VAL B 173 -24.91 -0.20 -6.74
N ARG B 174 -24.58 -1.42 -7.17
CA ARG B 174 -23.71 -2.27 -6.38
C ARG B 174 -22.35 -1.60 -6.33
N TYR B 175 -21.98 -0.82 -7.35
CA TYR B 175 -20.68 -0.18 -7.42
C TYR B 175 -20.67 1.24 -6.87
N ARG B 176 -21.78 1.95 -7.05
CA ARG B 176 -21.94 3.32 -6.52
C ARG B 176 -22.31 3.33 -5.03
N GLN B 177 -22.93 2.29 -4.56
CA GLN B 177 -23.29 2.16 -3.13
C GLN B 177 -22.84 0.81 -2.68
N ARG B 178 -21.51 0.65 -2.60
CA ARG B 178 -20.96 -0.67 -2.31
C ARG B 178 -21.44 -1.24 -0.98
N TYR B 179 -21.77 -0.38 -0.02
CA TYR B 179 -22.27 -0.89 1.22
C TYR B 179 -23.57 -1.69 1.07
N LEU B 180 -24.41 -1.34 0.11
CA LEU B 180 -25.63 -2.12 -0.21
C LEU B 180 -25.31 -3.50 -0.74
N ASP B 181 -24.33 -3.56 -1.64
CA ASP B 181 -23.88 -4.81 -2.17
C ASP B 181 -23.35 -5.67 -1.07
N LEU B 182 -22.46 -5.14 -0.20
CA LEU B 182 -21.94 -5.92 0.88
C LEU B 182 -22.97 -6.40 1.89
N MET B 183 -23.91 -5.52 2.18
CA MET B 183 -24.99 -5.81 3.12
C MET B 183 -25.86 -6.99 2.63
N LEU B 184 -26.11 -7.04 1.34
CA LEU B 184 -27.13 -7.95 0.78
C LEU B 184 -26.57 -9.13 -0.01
N ASN B 185 -25.30 -9.08 -0.41
CA ASN B 185 -24.77 -10.08 -1.37
C ASN B 185 -23.49 -10.76 -0.81
N GLU B 186 -23.64 -11.99 -0.35
CA GLU B 186 -22.55 -12.76 0.21
C GLU B 186 -21.42 -12.97 -0.85
N GLU B 187 -21.79 -13.07 -2.12
CA GLU B 187 -20.80 -13.26 -3.19
C GLU B 187 -19.82 -12.10 -3.32
N SER B 188 -20.30 -10.86 -3.12
CA SER B 188 -19.40 -9.69 -3.06
C SER B 188 -18.51 -9.75 -1.85
N ARG B 189 -19.03 -10.14 -0.71
CA ARG B 189 -18.16 -10.25 0.48
C ARG B 189 -17.03 -11.29 0.22
N LYS B 190 -17.37 -12.41 -0.44
CA LYS B 190 -16.41 -13.46 -0.76
C LYS B 190 -15.23 -12.97 -1.62
N VAL B 191 -15.49 -12.10 -2.55
CA VAL B 191 -14.48 -11.64 -3.48
C VAL B 191 -13.40 -10.88 -2.70
N PHE B 192 -13.85 -10.01 -1.81
CA PHE B 192 -12.91 -9.22 -1.05
C PHE B 192 -12.11 -9.94 -0.01
N LYS B 193 -12.70 -10.98 0.56
CA LYS B 193 -11.93 -11.92 1.41
C LYS B 193 -10.88 -12.71 0.63
N LEU B 194 -11.26 -13.16 -0.55
CA LEU B 194 -10.36 -13.92 -1.47
C LEU B 194 -9.22 -13.00 -1.89
N ARG B 195 -9.54 -11.77 -2.16
CA ARG B 195 -8.50 -10.80 -2.53
C ARG B 195 -7.45 -10.70 -1.47
N SER B 196 -7.89 -10.54 -0.19
CA SER B 196 -6.95 -10.41 0.90
C SER B 196 -6.12 -11.68 1.05
N ARG B 197 -6.74 -12.84 0.92
CA ARG B 197 -6.05 -14.13 1.05
C ARG B 197 -5.00 -14.27 -0.01
N ALA B 198 -5.34 -13.84 -1.23
CA ALA B 198 -4.41 -13.97 -2.34
C ALA B 198 -3.18 -13.07 -2.11
N ILE B 199 -3.41 -11.81 -1.72
CA ILE B 199 -2.31 -10.95 -1.51
C ILE B 199 -1.45 -11.45 -0.32
N LYS B 200 -2.04 -12.02 0.73
CA LYS B 200 -1.27 -12.60 1.84
C LYS B 200 -0.38 -13.73 1.34
N TYR B 201 -0.92 -14.57 0.48
CA TYR B 201 -0.19 -15.69 -0.11
C TYR B 201 1.04 -15.16 -0.85
N ILE B 202 0.80 -14.11 -1.64
CA ILE B 202 1.88 -13.49 -2.42
C ILE B 202 2.94 -12.87 -1.54
N ARG B 203 2.56 -12.12 -0.51
CA ARG B 203 3.53 -11.66 0.42
C ARG B 203 4.31 -12.75 1.02
N ASN B 204 3.63 -13.80 1.46
CA ASN B 204 4.31 -14.90 2.12
C ASN B 204 5.39 -15.56 1.22
N TYR B 205 5.04 -15.73 -0.04
CA TYR B 205 5.94 -16.31 -1.01
C TYR B 205 7.27 -15.55 -1.05
N PHE B 206 7.18 -14.20 -1.24
CA PHE B 206 8.39 -13.43 -1.35
C PHE B 206 9.07 -13.23 0.00
N ASP B 207 8.31 -13.15 1.07
CA ASP B 207 8.96 -13.03 2.40
C ASP B 207 9.80 -14.25 2.70
N ARG B 208 9.30 -15.40 2.35
CA ARG B 208 10.05 -16.67 2.58
C ARG B 208 11.33 -16.69 1.77
N LEU B 209 11.37 -15.98 0.64
CA LEU B 209 12.59 -15.90 -0.19
C LEU B 209 13.53 -14.83 0.33
N GLY B 210 13.23 -14.10 1.38
CA GLY B 210 14.17 -13.13 1.85
C GLY B 210 14.01 -11.73 1.26
N PHE B 211 12.91 -11.46 0.64
CA PHE B 211 12.60 -10.14 0.07
C PHE B 211 12.31 -9.11 1.17
N LEU B 212 12.62 -7.87 0.86
CA LEU B 212 12.23 -6.75 1.68
C LEU B 212 11.17 -6.00 0.98
N GLU B 213 10.03 -5.77 1.68
CA GLU B 213 8.97 -4.89 1.18
C GLU B 213 9.35 -3.46 1.40
N VAL B 214 9.16 -2.66 0.36
CA VAL B 214 9.45 -1.25 0.36
C VAL B 214 8.31 -0.41 -0.17
N GLU B 215 8.40 0.89 0.11
CA GLU B 215 7.51 1.90 -0.44
C GLU B 215 8.33 3.00 -1.11
N THR B 216 7.99 3.29 -2.39
CA THR B 216 8.62 4.31 -3.21
C THR B 216 7.58 5.39 -3.55
N PRO B 217 8.01 6.53 -4.04
CA PRO B 217 7.08 7.66 -4.14
C PRO B 217 6.00 7.48 -5.18
N MET B 218 4.80 7.85 -4.80
CA MET B 218 3.69 7.97 -5.75
C MET B 218 3.61 9.36 -6.37
N LEU B 219 4.28 10.32 -5.73
CA LEU B 219 4.40 11.70 -6.31
C LEU B 219 5.76 11.78 -6.95
N ASN B 220 5.81 12.11 -8.26
CA ASN B 220 7.06 11.96 -9.02
C ASN B 220 7.29 13.31 -9.74
N MET B 221 8.51 13.86 -9.67
CA MET B 221 8.88 14.98 -10.55
C MET B 221 8.79 14.63 -12.04
N ILE B 222 9.17 13.39 -12.38
CA ILE B 222 9.20 12.85 -13.75
C ILE B 222 8.58 11.48 -13.75
N TYR B 223 7.55 11.30 -14.53
CA TYR B 223 6.89 9.99 -14.59
C TYR B 223 7.74 9.05 -15.44
N GLY B 224 7.63 7.77 -15.16
CA GLY B 224 8.40 6.79 -15.87
C GLY B 224 8.12 5.39 -15.49
N GLY B 225 8.71 4.48 -16.25
CA GLY B 225 8.66 3.07 -15.90
C GLY B 225 7.59 2.26 -16.61
N ALA B 226 6.83 2.89 -17.53
CA ALA B 226 5.85 2.25 -18.33
C ALA B 226 5.46 3.18 -19.45
N ALA B 227 4.59 2.70 -20.34
CA ALA B 227 4.04 3.48 -21.47
C ALA B 227 2.63 3.83 -21.11
N ALA B 228 2.46 5.04 -20.55
CA ALA B 228 1.16 5.45 -20.11
C ALA B 228 1.08 6.96 -20.02
N ARG B 229 -0.11 7.52 -20.25
CA ARG B 229 -0.34 8.93 -19.93
C ARG B 229 -0.51 9.11 -18.40
N PRO B 230 0.21 10.05 -17.80
CA PRO B 230 0.15 10.31 -16.35
C PRO B 230 -0.99 11.26 -15.95
N PHE B 231 -1.33 11.12 -14.67
CA PHE B 231 -2.01 12.23 -13.95
C PHE B 231 -1.03 13.28 -13.52
N ILE B 232 -1.48 14.55 -13.62
CA ILE B 232 -0.69 15.70 -13.28
C ILE B 232 -1.30 16.42 -12.09
N THR B 233 -0.46 16.82 -11.16
CA THR B 233 -0.84 17.65 -9.98
C THR B 233 0.20 18.69 -9.65
N TYR B 234 0.04 19.35 -8.46
CA TYR B 234 0.88 20.47 -8.06
C TYR B 234 1.03 20.51 -6.58
N HIS B 235 2.28 20.69 -6.16
CA HIS B 235 2.59 20.91 -4.77
C HIS B 235 2.77 22.42 -4.56
N ASN B 236 1.88 22.99 -3.76
CA ASN B 236 1.82 24.45 -3.65
C ASN B 236 3.03 25.06 -2.95
N GLU B 237 3.43 24.52 -1.82
CA GLU B 237 4.65 25.09 -1.17
C GLU B 237 5.92 24.95 -1.93
N LEU B 238 6.08 23.87 -2.66
CA LEU B 238 7.25 23.71 -3.46
C LEU B 238 7.11 24.41 -4.80
N GLU B 239 5.91 24.88 -5.17
CA GLU B 239 5.66 25.57 -6.43
C GLU B 239 6.09 24.72 -7.61
N THR B 240 5.72 23.45 -7.58
CA THR B 240 6.14 22.53 -8.61
C THR B 240 5.01 21.63 -9.04
N GLN B 241 4.87 21.50 -10.36
CA GLN B 241 4.05 20.47 -10.93
C GLN B 241 4.71 19.08 -10.64
N LEU B 242 3.87 18.10 -10.40
CA LEU B 242 4.27 16.71 -10.10
C LEU B 242 3.36 15.82 -10.92
N TYR B 243 3.82 14.58 -11.14
CA TYR B 243 3.04 13.53 -11.76
C TYR B 243 2.74 12.47 -10.72
N MET B 244 1.60 11.79 -10.84
CA MET B 244 1.36 10.57 -10.06
C MET B 244 2.10 9.45 -10.78
N ARG B 245 2.59 8.51 -10.02
CA ARG B 245 3.39 7.43 -10.63
C ARG B 245 2.55 6.63 -11.52
N ILE B 246 3.11 6.28 -12.67
CA ILE B 246 2.55 5.26 -13.54
C ILE B 246 3.10 3.85 -13.23
N ALA B 247 4.25 3.82 -12.58
CA ALA B 247 4.95 2.59 -12.21
C ALA B 247 6.05 2.94 -11.25
N PRO B 248 6.44 2.02 -10.36
CA PRO B 248 7.54 2.26 -9.38
C PRO B 248 8.91 1.88 -9.82
N GLU B 249 9.02 1.38 -11.06
CA GLU B 249 10.23 0.66 -11.54
C GLU B 249 11.54 1.45 -11.33
N LEU B 250 11.51 2.74 -11.70
CA LEU B 250 12.84 3.42 -11.73
C LEU B 250 13.33 3.65 -10.32
N TYR B 251 12.45 3.84 -9.37
CA TYR B 251 12.89 3.93 -7.95
C TYR B 251 13.32 2.60 -7.41
N LEU B 252 12.58 1.55 -7.71
CA LEU B 252 12.93 0.19 -7.24
C LEU B 252 14.29 -0.27 -7.73
N LYS B 253 14.64 0.04 -8.99
CA LYS B 253 15.97 -0.30 -9.49
C LYS B 253 17.04 0.42 -8.77
N GLN B 254 16.77 1.67 -8.32
CA GLN B 254 17.76 2.39 -7.52
C GLN B 254 18.07 1.67 -6.20
N LEU B 255 17.11 0.94 -5.67
CA LEU B 255 17.33 0.14 -4.44
C LEU B 255 18.23 -1.05 -4.65
N ILE B 256 18.22 -1.62 -5.85
CA ILE B 256 19.14 -2.68 -6.25
C ILE B 256 20.56 -2.10 -6.45
N VAL B 257 20.69 -0.96 -7.12
CA VAL B 257 21.99 -0.24 -7.05
C VAL B 257 22.49 -0.08 -5.62
N GLY B 258 21.56 0.25 -4.75
CA GLY B 258 21.87 0.49 -3.34
C GLY B 258 22.24 -0.76 -2.56
N GLY B 259 22.06 -1.93 -3.11
CA GLY B 259 22.38 -3.16 -2.41
C GLY B 259 21.33 -3.91 -1.65
N LEU B 260 20.07 -3.55 -1.85
CA LEU B 260 19.01 -4.21 -1.08
C LEU B 260 18.65 -5.62 -1.63
N ASP B 261 19.12 -5.93 -2.86
CA ASP B 261 19.20 -7.30 -3.47
C ASP B 261 17.88 -7.92 -3.91
N LYS B 262 16.85 -7.91 -3.04
CA LYS B 262 15.50 -8.54 -3.32
C LYS B 262 14.51 -7.59 -2.67
N VAL B 263 13.80 -6.79 -3.45
CA VAL B 263 12.82 -5.82 -2.98
C VAL B 263 11.51 -6.07 -3.70
N TYR B 264 10.39 -5.82 -3.02
CA TYR B 264 9.07 -5.77 -3.67
C TYR B 264 8.27 -4.66 -3.14
N GLU B 265 7.26 -4.25 -3.90
CA GLU B 265 6.35 -3.19 -3.54
C GLU B 265 4.97 -3.59 -4.03
N ILE B 266 3.94 -3.39 -3.22
CA ILE B 266 2.57 -3.74 -3.63
C ILE B 266 1.81 -2.45 -3.37
N GLY B 267 1.31 -1.81 -4.39
CA GLY B 267 0.63 -0.53 -4.25
C GLY B 267 0.03 -0.03 -5.55
N LYS B 268 -0.59 1.10 -5.46
CA LYS B 268 -1.33 1.67 -6.60
C LYS B 268 -0.38 2.31 -7.63
N ASN B 269 -0.76 2.10 -8.87
CA ASN B 269 -0.34 2.87 -10.02
C ASN B 269 -1.54 3.71 -10.47
N PHE B 270 -1.24 4.81 -11.15
CA PHE B 270 -2.20 5.81 -11.62
C PHE B 270 -1.94 6.03 -13.10
N ARG B 271 -2.95 5.71 -13.93
CA ARG B 271 -2.82 5.85 -15.36
C ARG B 271 -4.07 6.53 -15.90
N ASN B 272 -3.81 7.66 -16.59
CA ASN B 272 -4.85 8.63 -17.06
C ASN B 272 -5.27 8.20 -18.46
N GLU B 273 -6.03 7.11 -18.50
CA GLU B 273 -6.30 6.41 -19.76
C GLU B 273 -7.77 6.02 -19.79
N GLY B 274 -8.07 4.83 -20.28
CA GLY B 274 -9.43 4.41 -20.45
C GLY B 274 -9.96 3.68 -19.25
N ILE B 275 -11.28 3.55 -19.17
CA ILE B 275 -11.98 2.77 -18.18
C ILE B 275 -12.84 1.78 -18.92
N ASP B 276 -12.63 0.50 -18.63
CA ASP B 276 -13.42 -0.57 -19.25
C ASP B 276 -13.39 -1.81 -18.34
N LEU B 277 -13.81 -2.96 -18.85
CA LEU B 277 -13.86 -4.17 -18.04
C LEU B 277 -12.53 -4.61 -17.39
N THR B 278 -11.40 -4.17 -17.95
CA THR B 278 -10.09 -4.48 -17.40
C THR B 278 -9.21 -3.28 -17.07
N HIS B 279 -9.80 -2.06 -16.99
CA HIS B 279 -9.05 -0.87 -16.67
C HIS B 279 -9.78 0.00 -15.69
N ASN B 280 -9.09 0.37 -14.60
CA ASN B 280 -9.59 1.40 -13.63
C ASN B 280 -8.43 2.42 -13.52
N PRO B 281 -8.70 3.72 -13.27
CA PRO B 281 -7.64 4.71 -13.34
C PRO B 281 -6.59 4.56 -12.29
N GLU B 282 -6.93 3.93 -11.17
CA GLU B 282 -5.93 3.44 -10.19
C GLU B 282 -6.05 1.96 -10.07
N PHE B 283 -4.94 1.27 -9.97
CA PHE B 283 -4.97 -0.17 -9.86
C PHE B 283 -3.84 -0.64 -9.03
N THR B 284 -3.94 -1.82 -8.46
CA THR B 284 -2.90 -2.37 -7.59
C THR B 284 -1.94 -3.26 -8.36
N ALA B 285 -0.68 -2.91 -8.29
CA ALA B 285 0.39 -3.67 -8.92
C ALA B 285 1.39 -4.08 -7.90
N MET B 286 1.96 -5.24 -8.12
CA MET B 286 3.10 -5.69 -7.38
C MET B 286 4.30 -5.60 -8.34
N GLU B 287 5.40 -4.98 -7.93
CA GLU B 287 6.65 -5.11 -8.63
C GLU B 287 7.67 -5.73 -7.74
N PHE B 288 8.58 -6.55 -8.31
CA PHE B 288 9.77 -6.94 -7.54
C PHE B 288 10.98 -6.91 -8.38
N TYR B 289 12.12 -6.76 -7.76
CA TYR B 289 13.43 -6.73 -8.40
C TYR B 289 14.34 -7.67 -7.63
N MET B 290 15.01 -8.56 -8.35
CA MET B 290 15.83 -9.64 -7.80
C MET B 290 17.18 -9.57 -8.46
N ALA B 291 18.18 -9.14 -7.71
CA ALA B 291 19.54 -9.14 -8.19
C ALA B 291 19.90 -10.57 -8.63
N TYR B 292 20.61 -10.65 -9.73
CA TYR B 292 21.20 -11.89 -10.27
C TYR B 292 20.25 -12.78 -11.02
N ALA B 293 19.00 -12.43 -11.12
CA ALA B 293 18.01 -13.14 -11.90
C ALA B 293 18.03 -12.64 -13.33
N ASP B 294 17.71 -13.54 -14.23
CA ASP B 294 17.34 -13.12 -15.60
C ASP B 294 15.90 -13.50 -15.89
N TYR B 295 15.46 -13.16 -17.10
CA TYR B 295 14.03 -13.37 -17.41
C TYR B 295 13.65 -14.87 -17.45
N TYR B 296 14.58 -15.75 -17.76
CA TYR B 296 14.31 -17.18 -17.62
C TYR B 296 13.99 -17.60 -16.17
N ASP B 297 14.76 -17.08 -15.22
CA ASP B 297 14.46 -17.29 -13.80
C ASP B 297 13.08 -16.75 -13.45
N LEU B 298 12.76 -15.57 -14.00
CA LEU B 298 11.48 -14.96 -13.68
C LEU B 298 10.31 -15.70 -14.25
N MET B 299 10.42 -16.32 -15.45
CA MET B 299 9.32 -17.17 -15.96
C MET B 299 9.09 -18.32 -15.00
N ASP B 300 10.16 -18.98 -14.57
CA ASP B 300 10.01 -20.11 -13.66
C ASP B 300 9.35 -19.74 -12.36
N LEU B 301 9.71 -18.55 -11.87
CA LEU B 301 9.14 -18.02 -10.60
C LEU B 301 7.66 -17.70 -10.78
N THR B 302 7.32 -17.08 -11.91
CA THR B 302 5.95 -16.77 -12.26
C THR B 302 5.06 -17.99 -12.28
N GLU B 303 5.54 -19.04 -12.94
CA GLU B 303 4.82 -20.33 -12.98
C GLU B 303 4.59 -20.90 -11.56
N GLU B 304 5.61 -20.87 -10.74
CA GLU B 304 5.57 -21.45 -9.44
C GLU B 304 4.61 -20.69 -8.54
N LEU B 305 4.70 -19.36 -8.56
CA LEU B 305 3.91 -18.52 -7.74
C LEU B 305 2.46 -18.67 -8.08
N ILE B 306 2.14 -18.46 -9.35
CA ILE B 306 0.75 -18.33 -9.76
C ILE B 306 0.12 -19.71 -9.76
N SER B 307 0.78 -20.75 -10.29
CA SER B 307 0.14 -22.08 -10.23
C SER B 307 -0.07 -22.47 -8.75
N GLY B 308 0.84 -22.16 -7.81
CA GLY B 308 0.70 -22.52 -6.48
C GLY B 308 -0.48 -21.78 -5.85
N LEU B 309 -0.69 -20.52 -6.16
CA LEU B 309 -1.82 -19.75 -5.65
C LEU B 309 -3.13 -20.28 -6.19
N VAL B 310 -3.16 -20.62 -7.47
CA VAL B 310 -4.37 -21.21 -8.05
C VAL B 310 -4.71 -22.49 -7.31
N LEU B 311 -3.74 -23.35 -7.08
CA LEU B 311 -3.96 -24.63 -6.39
C LEU B 311 -4.44 -24.41 -4.96
N GLU B 312 -3.87 -23.43 -4.25
CA GLU B 312 -4.25 -23.12 -2.89
C GLU B 312 -5.72 -22.72 -2.86
N ILE B 313 -6.17 -21.91 -3.81
CA ILE B 313 -7.51 -21.39 -3.73
C ILE B 313 -8.52 -22.41 -4.26
N HIS B 314 -8.21 -23.06 -5.38
CA HIS B 314 -9.15 -23.91 -6.09
C HIS B 314 -9.04 -25.41 -5.90
N GLY B 315 -7.90 -25.88 -5.44
CA GLY B 315 -7.70 -27.30 -5.28
C GLY B 315 -7.38 -28.03 -6.55
N SER B 316 -7.20 -27.30 -7.65
CA SER B 316 -6.85 -27.81 -8.94
C SER B 316 -6.10 -26.71 -9.71
N LEU B 317 -5.39 -27.13 -10.76
CA LEU B 317 -4.78 -26.17 -11.70
C LEU B 317 -5.75 -25.80 -12.79
N LYS B 318 -6.90 -26.42 -12.86
CA LYS B 318 -7.86 -26.10 -13.89
C LYS B 318 -9.08 -25.43 -13.28
N ILE B 319 -9.40 -24.20 -13.68
CA ILE B 319 -10.39 -23.41 -12.96
C ILE B 319 -11.44 -22.86 -13.93
N PRO B 320 -12.67 -22.56 -13.46
CA PRO B 320 -13.70 -22.00 -14.29
C PRO B 320 -13.55 -20.54 -14.53
N TYR B 321 -14.03 -20.10 -15.66
CA TYR B 321 -14.13 -18.67 -15.93
C TYR B 321 -15.31 -18.42 -16.82
N HIS B 322 -16.02 -17.34 -16.52
CA HIS B 322 -17.16 -16.84 -17.31
C HIS B 322 -16.81 -15.58 -18.07
N PRO B 323 -16.36 -15.70 -19.31
CA PRO B 323 -15.80 -14.49 -19.96
C PRO B 323 -16.79 -13.41 -20.30
N ASP B 324 -18.05 -13.80 -20.42
CA ASP B 324 -19.12 -12.86 -20.72
C ASP B 324 -19.99 -12.62 -19.50
N GLY B 325 -19.50 -12.89 -18.30
CA GLY B 325 -20.33 -12.75 -17.12
C GLY B 325 -21.11 -14.01 -16.83
N PRO B 326 -21.80 -14.05 -15.68
CA PRO B 326 -22.44 -15.26 -15.10
C PRO B 326 -23.67 -15.76 -15.90
N GLU B 327 -24.20 -14.89 -16.75
CA GLU B 327 -25.26 -15.24 -17.71
C GLU B 327 -24.76 -15.98 -18.94
N GLY B 328 -23.46 -15.90 -19.24
CA GLY B 328 -22.87 -16.56 -20.39
C GLY B 328 -22.21 -17.92 -20.13
N LYS B 329 -21.44 -18.33 -21.11
CA LYS B 329 -20.78 -19.64 -21.06
C LYS B 329 -19.67 -19.70 -20.01
N CYS B 330 -19.34 -20.92 -19.65
CA CYS B 330 -18.18 -21.23 -18.79
C CYS B 330 -17.10 -21.95 -19.52
N ILE B 331 -15.88 -21.41 -19.43
CA ILE B 331 -14.71 -22.08 -19.97
C ILE B 331 -13.81 -22.55 -18.86
N GLU B 332 -12.73 -23.28 -19.21
CA GLU B 332 -11.77 -23.73 -18.28
C GLU B 332 -10.39 -23.14 -18.61
N ILE B 333 -9.72 -22.59 -17.59
CA ILE B 333 -8.36 -22.04 -17.75
C ILE B 333 -7.50 -23.08 -17.07
N ASP B 334 -6.44 -23.51 -17.77
CA ASP B 334 -5.56 -24.56 -17.27
C ASP B 334 -4.14 -23.95 -16.96
N PHE B 335 -3.78 -23.93 -15.68
CA PHE B 335 -2.49 -23.44 -15.19
C PHE B 335 -1.40 -24.46 -15.07
N THR B 336 -1.64 -25.68 -15.58
CA THR B 336 -0.60 -26.69 -15.55
C THR B 336 0.68 -26.19 -16.27
N THR B 337 1.84 -26.45 -15.67
CA THR B 337 3.14 -26.10 -16.28
C THR B 337 3.71 -27.26 -17.10
N PRO B 338 4.60 -26.98 -18.05
CA PRO B 338 5.13 -25.65 -18.42
C PRO B 338 4.09 -24.88 -19.22
N TRP B 339 4.02 -23.59 -18.97
CA TRP B 339 3.16 -22.76 -19.72
C TRP B 339 3.68 -22.48 -21.14
N LYS B 340 2.74 -22.27 -22.03
CA LYS B 340 3.05 -22.00 -23.43
C LYS B 340 3.92 -20.73 -23.59
N ARG B 341 4.90 -20.75 -24.47
CA ARG B 341 5.67 -19.53 -24.85
C ARG B 341 5.40 -19.19 -26.29
N PHE B 342 5.13 -17.93 -26.60
CA PHE B 342 5.05 -17.45 -27.95
C PHE B 342 6.18 -16.42 -28.15
N SER B 343 7.00 -16.55 -29.18
CA SER B 343 7.98 -15.50 -29.50
C SER B 343 7.33 -14.38 -30.27
N PHE B 344 7.44 -13.12 -29.79
CA PHE B 344 6.73 -11.99 -30.29
C PHE B 344 6.73 -11.82 -31.82
N VAL B 345 7.90 -11.61 -32.41
CA VAL B 345 7.94 -11.39 -33.85
C VAL B 345 7.56 -12.63 -34.67
N GLU B 346 8.04 -13.81 -34.31
CA GLU B 346 7.75 -15.03 -35.05
C GLU B 346 6.24 -15.27 -35.08
N GLU B 347 5.55 -15.00 -33.99
CA GLU B 347 4.10 -15.24 -33.98
C GLU B 347 3.33 -14.23 -34.75
N ILE B 348 3.77 -12.98 -34.78
CA ILE B 348 3.22 -12.03 -35.70
C ILE B 348 3.41 -12.46 -37.19
N GLU B 349 4.60 -12.90 -37.51
CA GLU B 349 4.93 -13.35 -38.89
C GLU B 349 4.12 -14.59 -39.29
N SER B 350 3.92 -15.53 -38.38
CA SER B 350 3.01 -16.67 -38.64
C SER B 350 1.60 -16.13 -38.91
N GLY B 351 1.16 -15.11 -38.22
CA GLY B 351 -0.21 -14.60 -38.44
C GLY B 351 -0.33 -13.89 -39.79
N LEU B 352 0.70 -13.16 -40.14
CA LEU B 352 0.70 -12.39 -41.38
C LEU B 352 0.93 -13.27 -42.61
N GLY B 353 1.62 -14.40 -42.43
CA GLY B 353 2.09 -15.16 -43.62
C GLY B 353 3.11 -14.40 -44.39
N GLU B 354 3.91 -13.60 -43.70
CA GLU B 354 5.01 -12.85 -44.29
C GLU B 354 5.88 -12.25 -43.18
N LYS B 355 7.13 -11.94 -43.51
CA LYS B 355 8.07 -11.38 -42.55
C LYS B 355 7.97 -9.84 -42.47
N LEU B 356 8.17 -9.36 -41.24
CA LEU B 356 8.43 -7.96 -41.06
C LEU B 356 9.76 -7.56 -41.67
N LYS B 357 9.85 -6.28 -41.98
CA LYS B 357 11.11 -5.76 -42.54
C LYS B 357 12.10 -5.41 -41.45
N ARG B 358 13.40 -5.50 -41.79
CA ARG B 358 14.46 -5.25 -40.83
C ARG B 358 15.32 -4.09 -41.28
N PRO B 359 15.80 -3.24 -40.39
CA PRO B 359 15.46 -3.30 -38.94
C PRO B 359 14.00 -3.00 -38.64
N LEU B 360 13.54 -3.51 -37.48
CA LEU B 360 12.17 -3.37 -37.13
C LEU B 360 11.72 -1.94 -36.89
N ASP B 361 12.65 -1.05 -36.53
CA ASP B 361 12.32 0.33 -36.29
C ASP B 361 12.64 1.22 -37.49
N SER B 362 12.94 0.64 -38.67
CA SER B 362 13.12 1.42 -39.87
C SER B 362 11.83 1.99 -40.38
N GLN B 363 11.93 3.13 -41.14
CA GLN B 363 10.75 3.69 -41.78
C GLN B 363 10.17 2.65 -42.75
N GLU B 364 11.04 1.82 -43.36
CA GLU B 364 10.50 0.76 -44.24
C GLU B 364 9.56 -0.19 -43.47
N ASN B 365 10.01 -0.66 -42.29
CA ASN B 365 9.16 -1.50 -41.50
C ASN B 365 7.90 -0.83 -40.95
N ILE B 366 8.06 0.45 -40.55
CA ILE B 366 6.91 1.21 -40.10
C ILE B 366 5.85 1.28 -41.20
N ASP B 367 6.31 1.67 -42.40
CA ASP B 367 5.39 1.72 -43.51
C ASP B 367 4.76 0.34 -43.85
N PHE B 368 5.51 -0.73 -43.76
CA PHE B 368 5.02 -2.07 -44.02
C PHE B 368 3.98 -2.48 -42.93
N MET B 369 4.26 -2.18 -41.65
CA MET B 369 3.32 -2.50 -40.60
C MET B 369 2.01 -1.71 -40.76
N VAL B 370 2.10 -0.46 -41.23
CA VAL B 370 0.86 0.26 -41.59
C VAL B 370 0.11 -0.44 -42.69
N GLU B 371 0.80 -0.83 -43.77
CA GLU B 371 0.11 -1.69 -44.76
C GLU B 371 -0.51 -2.93 -44.21
N MET B 372 0.16 -3.57 -43.26
CA MET B 372 -0.38 -4.81 -42.73
C MET B 372 -1.61 -4.56 -41.86
N CYS B 373 -1.57 -3.45 -41.10
CA CYS B 373 -2.78 -3.09 -40.32
C CYS B 373 -3.94 -2.81 -41.24
N GLU B 374 -3.69 -2.09 -42.33
CA GLU B 374 -4.77 -1.77 -43.26
C GLU B 374 -5.31 -3.06 -43.84
N LYS B 375 -4.43 -3.95 -44.26
CA LYS B 375 -4.84 -5.21 -44.82
C LYS B 375 -5.66 -6.12 -43.92
N HIS B 376 -5.28 -6.16 -42.63
CA HIS B 376 -5.90 -7.06 -41.68
C HIS B 376 -6.98 -6.39 -40.82
N GLU B 377 -7.34 -5.15 -41.14
CA GLU B 377 -8.39 -4.39 -40.49
C GLU B 377 -8.05 -4.14 -39.03
N ILE B 378 -6.80 -3.79 -38.79
CA ILE B 378 -6.36 -3.45 -37.45
C ILE B 378 -6.34 -1.96 -37.37
N GLU B 379 -6.95 -1.39 -36.33
CA GLU B 379 -6.95 0.04 -36.12
C GLU B 379 -5.52 0.55 -35.87
N LEU B 380 -5.18 1.60 -36.59
CA LEU B 380 -3.86 2.18 -36.53
C LEU B 380 -3.63 2.97 -35.23
N PRO B 381 -2.40 2.92 -34.66
CA PRO B 381 -2.09 3.73 -33.52
C PRO B 381 -1.77 5.15 -33.92
N HIS B 382 -1.70 6.08 -32.97
CA HIS B 382 -1.23 7.43 -33.18
C HIS B 382 -0.27 7.83 -32.09
N PRO B 383 0.91 8.32 -32.39
CA PRO B 383 1.51 8.34 -33.73
C PRO B 383 1.89 6.94 -34.19
N ARG B 384 2.26 6.87 -35.46
CA ARG B 384 2.57 5.58 -36.11
C ARG B 384 4.03 5.29 -35.88
N THR B 385 4.36 4.99 -34.64
CA THR B 385 5.70 4.62 -34.28
C THR B 385 5.87 3.06 -34.42
N ALA B 386 7.08 2.64 -34.62
CA ALA B 386 7.41 1.19 -34.79
C ALA B 386 6.89 0.40 -33.59
N ALA B 387 7.15 0.92 -32.41
CA ALA B 387 6.64 0.30 -31.18
C ALA B 387 5.14 0.13 -31.11
N LYS B 388 4.37 1.24 -31.40
CA LYS B 388 2.95 1.14 -31.34
C LYS B 388 2.36 0.20 -32.39
N LEU B 389 2.97 0.22 -33.59
CA LEU B 389 2.48 -0.66 -34.64
C LEU B 389 2.76 -2.15 -34.30
N LEU B 390 3.95 -2.40 -33.75
CA LEU B 390 4.24 -3.78 -33.27
C LEU B 390 3.23 -4.23 -32.22
N ASP B 391 2.90 -3.31 -31.29
CA ASP B 391 1.90 -3.63 -30.29
C ASP B 391 0.54 -3.97 -30.90
N LYS B 392 0.10 -3.18 -31.87
CA LYS B 392 -1.19 -3.44 -32.52
C LYS B 392 -1.15 -4.82 -33.19
N LEU B 393 -0.03 -5.15 -33.81
CA LEU B 393 0.03 -6.43 -34.50
C LEU B 393 0.03 -7.57 -33.48
N ALA B 394 0.77 -7.43 -32.41
CA ALA B 394 0.75 -8.47 -31.35
C ALA B 394 -0.63 -8.65 -30.74
N GLY B 395 -1.29 -7.52 -30.52
CA GLY B 395 -2.65 -7.58 -29.97
C GLY B 395 -3.62 -8.34 -30.85
N HIS B 396 -3.43 -8.20 -32.15
CA HIS B 396 -4.32 -8.88 -33.08
C HIS B 396 -4.00 -10.36 -33.29
N PHE B 397 -2.70 -10.64 -33.42
CA PHE B 397 -2.26 -11.98 -33.81
C PHE B 397 -1.77 -12.89 -32.71
N VAL B 398 -1.35 -12.32 -31.59
CA VAL B 398 -0.66 -13.11 -30.57
C VAL B 398 -1.38 -13.14 -29.24
N GLU B 399 -1.84 -11.98 -28.78
CA GLU B 399 -2.56 -11.95 -27.52
C GLU B 399 -3.82 -12.77 -27.57
N THR B 400 -4.40 -12.81 -28.76
CA THR B 400 -5.65 -13.53 -28.99
C THR B 400 -5.48 -15.04 -28.98
N LYS B 401 -4.29 -15.54 -28.91
CA LYS B 401 -3.98 -17.01 -28.83
C LYS B 401 -3.73 -17.43 -27.40
N CYS B 402 -3.68 -16.48 -26.44
CA CYS B 402 -3.37 -16.78 -25.06
C CYS B 402 -4.64 -17.00 -24.24
N THR B 403 -5.17 -18.23 -24.25
CA THR B 403 -6.31 -18.55 -23.40
C THR B 403 -5.77 -18.94 -22.04
N ASN B 404 -5.09 -20.08 -22.02
CA ASN B 404 -4.39 -20.52 -20.85
C ASN B 404 -3.20 -19.53 -20.61
N PRO B 405 -2.73 -19.42 -19.37
CA PRO B 405 -1.54 -18.60 -19.14
C PRO B 405 -0.43 -18.91 -20.12
N SER B 406 0.03 -17.87 -20.79
CA SER B 406 0.97 -18.00 -21.91
C SER B 406 1.93 -16.79 -21.87
N PHE B 407 3.25 -17.03 -22.00
CA PHE B 407 4.24 -15.99 -22.04
C PHE B 407 4.40 -15.53 -23.49
N ILE B 408 4.26 -14.24 -23.77
CA ILE B 408 4.72 -13.66 -25.00
C ILE B 408 6.14 -13.16 -24.73
N ILE B 409 7.13 -13.64 -25.46
CA ILE B 409 8.51 -13.42 -25.13
C ILE B 409 9.30 -12.69 -26.21
N ASP B 410 10.41 -12.07 -25.82
CA ASP B 410 11.45 -11.55 -26.71
C ASP B 410 11.04 -10.38 -27.52
N HIS B 411 10.35 -9.45 -26.84
CA HIS B 411 9.87 -8.25 -27.49
C HIS B 411 10.99 -7.42 -28.12
N PRO B 412 10.72 -6.84 -29.29
CA PRO B 412 11.65 -5.90 -29.82
C PRO B 412 12.12 -4.78 -28.83
N GLN B 413 13.43 -4.45 -28.92
CA GLN B 413 13.99 -3.27 -28.23
C GLN B 413 13.21 -2.03 -28.43
N THR B 414 12.79 -1.78 -29.63
CA THR B 414 12.14 -0.49 -29.92
C THR B 414 10.88 -0.21 -29.09
N MET B 415 10.21 -1.26 -28.60
CA MET B 415 9.07 -1.15 -27.71
C MET B 415 9.40 -1.44 -26.22
N SER B 416 10.68 -1.57 -25.88
CA SER B 416 11.09 -2.08 -24.57
C SER B 416 12.32 -1.28 -24.11
N PRO B 417 12.15 0.00 -23.78
CA PRO B 417 13.31 0.87 -23.54
C PRO B 417 14.07 0.61 -22.29
N LEU B 418 13.56 -0.19 -21.34
CA LEU B 418 14.28 -0.49 -20.11
C LEU B 418 14.72 -1.96 -20.01
N ALA B 419 14.39 -2.73 -21.04
CA ALA B 419 14.70 -4.14 -21.08
C ALA B 419 16.06 -4.38 -21.74
N LYS B 420 16.84 -5.32 -21.23
CA LYS B 420 18.19 -5.56 -21.71
C LYS B 420 18.12 -6.33 -23.05
N TRP B 421 19.02 -5.96 -23.96
CA TRP B 421 19.15 -6.63 -25.25
C TRP B 421 19.23 -8.11 -25.09
N HIS B 422 18.64 -8.83 -26.05
CA HIS B 422 18.60 -10.29 -25.99
C HIS B 422 20.02 -10.79 -26.23
N ARG B 423 20.40 -11.78 -25.45
CA ARG B 423 21.77 -12.28 -25.55
C ARG B 423 22.04 -13.03 -26.84
N GLU B 424 21.01 -13.46 -27.55
CA GLU B 424 21.16 -14.19 -28.83
C GLU B 424 20.54 -13.50 -30.02
N LYS B 425 19.33 -12.97 -29.87
CA LYS B 425 18.46 -12.53 -30.96
C LYS B 425 18.62 -11.06 -31.26
N PRO B 426 19.18 -10.71 -32.41
CA PRO B 426 19.29 -9.30 -32.69
C PRO B 426 17.96 -8.52 -32.72
N GLU B 427 18.04 -7.29 -32.21
CA GLU B 427 16.94 -6.37 -32.14
C GLU B 427 15.91 -6.67 -31.02
N MET B 428 16.01 -7.82 -30.36
CA MET B 428 15.03 -8.22 -29.39
C MET B 428 15.58 -7.94 -28.00
N THR B 429 14.76 -8.16 -27.02
CA THR B 429 15.11 -8.05 -25.58
C THR B 429 14.77 -9.28 -24.78
N GLU B 430 15.32 -9.32 -23.57
CA GLU B 430 14.97 -10.38 -22.63
C GLU B 430 13.73 -10.02 -21.84
N ARG B 431 12.59 -10.02 -22.51
CA ARG B 431 11.32 -9.58 -21.93
C ARG B 431 10.25 -10.63 -22.07
N PHE B 432 9.33 -10.69 -21.11
CA PHE B 432 8.07 -11.43 -21.31
C PHE B 432 6.90 -10.65 -20.80
N GLU B 433 5.76 -10.98 -21.33
CA GLU B 433 4.49 -10.62 -20.76
C GLU B 433 3.74 -11.90 -20.53
N LEU B 434 3.01 -11.98 -19.43
CA LEU B 434 2.06 -13.07 -19.22
C LEU B 434 0.67 -12.62 -19.58
N PHE B 435 -0.01 -13.40 -20.41
CA PHE B 435 -1.38 -13.20 -20.77
C PHE B 435 -2.24 -14.37 -20.35
N VAL B 436 -3.47 -14.10 -19.90
CA VAL B 436 -4.48 -15.07 -19.56
C VAL B 436 -5.76 -14.59 -20.19
N LEU B 437 -6.45 -15.44 -20.92
CA LEU B 437 -7.69 -15.06 -21.62
C LEU B 437 -7.51 -13.75 -22.39
N GLY B 438 -6.36 -13.62 -23.05
CA GLY B 438 -6.06 -12.50 -23.86
C GLY B 438 -5.81 -11.19 -23.14
N LYS B 439 -5.58 -11.26 -21.84
CA LYS B 439 -5.44 -10.05 -21.01
C LYS B 439 -4.07 -10.10 -20.35
N GLU B 440 -3.42 -8.95 -20.30
CA GLU B 440 -2.06 -8.87 -19.73
C GLU B 440 -2.13 -8.94 -18.22
N LEU B 441 -1.38 -9.88 -17.63
CA LEU B 441 -1.27 -10.01 -16.18
C LEU B 441 0.11 -9.60 -15.67
N CYS B 442 1.15 -9.90 -16.39
CA CYS B 442 2.52 -9.62 -15.91
C CYS B 442 3.36 -9.05 -17.03
N ASN B 443 4.39 -8.32 -16.66
CA ASN B 443 5.38 -7.71 -17.60
C ASN B 443 6.67 -7.82 -16.87
N ALA B 444 7.73 -8.32 -17.49
CA ALA B 444 8.98 -8.58 -16.77
C ALA B 444 10.16 -8.60 -17.73
N TYR B 445 11.36 -8.36 -17.26
CA TYR B 445 12.52 -8.49 -18.08
C TYR B 445 13.84 -8.58 -17.33
N THR B 446 14.86 -9.10 -18.01
CA THR B 446 16.22 -8.89 -17.57
C THR B 446 16.46 -7.37 -17.71
N GLU B 447 16.87 -6.69 -16.65
CA GLU B 447 16.87 -5.24 -16.61
C GLU B 447 18.07 -4.71 -17.43
N LEU B 448 17.79 -3.67 -18.19
CA LEU B 448 18.92 -2.94 -18.81
C LEU B 448 19.77 -2.31 -17.81
N ASN B 449 21.07 -2.62 -17.80
CA ASN B 449 21.99 -2.11 -16.78
C ASN B 449 23.18 -1.38 -17.39
N GLU B 450 23.11 -1.10 -18.71
CA GLU B 450 24.23 -0.50 -19.44
C GLU B 450 23.81 0.95 -19.76
N PRO B 451 24.44 1.94 -19.10
CA PRO B 451 23.94 3.29 -19.19
C PRO B 451 24.01 4.02 -20.52
N LEU B 452 24.94 3.71 -21.41
CA LEU B 452 25.02 4.38 -22.70
C LEU B 452 23.79 4.06 -23.52
N GLN B 453 23.48 2.75 -23.67
CA GLN B 453 22.22 2.34 -24.37
C GLN B 453 21.01 2.84 -23.70
N GLN B 454 20.95 2.82 -22.36
CA GLN B 454 19.78 3.27 -21.67
C GLN B 454 19.49 4.75 -21.97
N ARG B 455 20.55 5.54 -21.97
CA ARG B 455 20.37 6.94 -22.32
C ARG B 455 19.81 7.12 -23.76
N LYS B 456 20.37 6.36 -24.67
CA LYS B 456 19.93 6.38 -26.07
C LYS B 456 18.46 6.05 -26.13
N PHE B 457 18.01 5.03 -25.40
CA PHE B 457 16.60 4.64 -25.54
C PHE B 457 15.70 5.71 -24.91
N PHE B 458 16.16 6.32 -23.81
CA PHE B 458 15.44 7.44 -23.20
C PHE B 458 15.33 8.64 -24.13
N GLU B 459 16.40 8.92 -24.87
CA GLU B 459 16.36 9.98 -25.91
C GLU B 459 15.31 9.66 -26.97
N GLN B 460 15.26 8.40 -27.41
CA GLN B 460 14.24 7.97 -28.36
C GLN B 460 12.86 8.14 -27.79
N GLN B 461 12.67 7.86 -26.51
CA GLN B 461 11.33 8.07 -25.90
C GLN B 461 10.98 9.56 -25.85
N ALA B 462 11.93 10.40 -25.52
CA ALA B 462 11.70 11.85 -25.43
C ALA B 462 11.40 12.36 -26.84
N ASP B 463 12.06 11.78 -27.85
CA ASP B 463 11.76 12.19 -29.23
C ASP B 463 10.36 11.76 -29.61
N ALA B 464 9.94 10.55 -29.22
CA ALA B 464 8.59 10.06 -29.45
C ALA B 464 7.54 10.99 -28.78
N LYS B 465 7.80 11.40 -27.53
CA LYS B 465 6.91 12.29 -26.81
C LYS B 465 6.74 13.60 -27.59
N ALA B 466 7.89 14.16 -28.00
CA ALA B 466 7.90 15.43 -28.77
C ALA B 466 7.11 15.30 -30.07
N SER B 467 7.10 14.13 -30.70
CA SER B 467 6.33 13.89 -31.94
C SER B 467 4.86 13.51 -31.68
N GLY B 468 4.42 13.46 -30.42
CA GLY B 468 3.02 13.24 -30.13
C GLY B 468 2.58 12.00 -29.41
N ASP B 469 3.57 11.20 -28.94
CA ASP B 469 3.28 9.99 -28.22
C ASP B 469 3.08 10.38 -26.74
N VAL B 470 1.82 10.43 -26.35
CA VAL B 470 1.50 10.84 -24.95
C VAL B 470 1.82 9.76 -23.97
N GLU B 471 2.15 8.55 -24.45
CA GLU B 471 2.53 7.41 -23.56
C GLU B 471 4.03 7.28 -23.41
N ALA B 472 4.80 8.14 -24.04
CA ALA B 472 6.26 8.13 -23.91
C ALA B 472 6.72 9.03 -22.77
N CYS B 473 7.75 8.63 -22.07
CA CYS B 473 8.14 9.35 -20.86
C CYS B 473 9.35 10.22 -21.14
N PRO B 474 9.49 11.34 -20.42
CA PRO B 474 10.66 12.15 -20.46
C PRO B 474 11.90 11.44 -19.89
N ILE B 475 13.07 11.89 -20.30
CA ILE B 475 14.34 11.38 -19.76
C ILE B 475 14.43 11.72 -18.26
N ASP B 476 14.82 10.73 -17.45
CA ASP B 476 15.04 10.90 -16.00
C ASP B 476 16.50 10.79 -15.69
N GLU B 477 17.15 11.94 -15.59
CA GLU B 477 18.56 11.98 -15.29
C GLU B 477 18.92 11.39 -13.95
N THR B 478 18.02 11.45 -12.99
CA THR B 478 18.32 10.89 -11.70
C THR B 478 18.51 9.37 -11.83
N PHE B 479 17.71 8.75 -12.70
CA PHE B 479 17.93 7.30 -12.96
C PHE B 479 19.12 6.93 -13.74
N CYS B 480 19.44 7.74 -14.75
CA CYS B 480 20.64 7.54 -15.50
C CYS B 480 21.84 7.66 -14.57
N LEU B 481 21.81 8.64 -13.63
CA LEU B 481 22.93 8.75 -12.72
C LEU B 481 23.03 7.52 -11.81
N ALA B 482 21.90 6.98 -11.38
CA ALA B 482 21.94 5.78 -10.56
C ALA B 482 22.58 4.63 -11.32
N LEU B 483 22.23 4.47 -12.61
CA LEU B 483 22.81 3.40 -13.43
C LEU B 483 24.29 3.53 -13.58
N GLU B 484 24.79 4.77 -13.61
CA GLU B 484 26.20 4.98 -13.61
C GLU B 484 26.92 4.53 -12.37
N HIS B 485 26.21 4.24 -11.28
CA HIS B 485 26.82 3.69 -10.07
C HIS B 485 26.86 2.18 -10.06
N GLY B 486 26.24 1.57 -11.08
CA GLY B 486 26.37 0.12 -11.27
C GLY B 486 25.12 -0.58 -10.73
N LEU B 487 24.22 -0.90 -11.63
CA LEU B 487 23.12 -1.83 -11.34
C LEU B 487 23.59 -3.26 -11.58
N PRO B 488 23.60 -4.09 -10.54
CA PRO B 488 23.96 -5.49 -10.79
C PRO B 488 23.05 -6.10 -11.85
N PRO B 489 23.52 -7.14 -12.56
CA PRO B 489 22.55 -7.92 -13.36
C PRO B 489 21.35 -8.19 -12.47
N THR B 490 20.15 -7.95 -13.00
CA THR B 490 18.92 -7.99 -12.19
C THR B 490 17.75 -8.42 -13.10
N GLY B 491 16.76 -9.07 -12.50
CA GLY B 491 15.49 -9.36 -13.15
C GLY B 491 14.43 -8.61 -12.41
N GLY B 492 13.49 -8.03 -13.14
CA GLY B 492 12.37 -7.32 -12.56
C GLY B 492 11.08 -7.74 -13.17
N TRP B 493 9.97 -7.46 -12.47
CA TRP B 493 8.67 -8.06 -12.76
C TRP B 493 7.57 -7.27 -12.16
N GLY B 494 6.44 -7.21 -12.86
CA GLY B 494 5.21 -6.61 -12.34
C GLY B 494 4.01 -7.51 -12.60
N LEU B 495 3.10 -7.51 -11.65
CA LEU B 495 1.82 -8.26 -11.71
C LEU B 495 0.69 -7.29 -11.44
N GLY B 496 -0.37 -7.38 -12.25
CA GLY B 496 -1.62 -6.67 -12.05
C GLY B 496 -2.47 -7.43 -11.06
N ILE B 497 -2.55 -7.00 -9.82
CA ILE B 497 -3.27 -7.76 -8.79
C ILE B 497 -4.75 -7.83 -9.10
N ASP B 498 -5.35 -6.71 -9.51
CA ASP B 498 -6.81 -6.72 -9.71
C ASP B 498 -7.14 -7.74 -10.80
N ARG B 499 -6.42 -7.72 -11.92
CA ARG B 499 -6.71 -8.69 -12.96
C ARG B 499 -6.47 -10.13 -12.50
N LEU B 500 -5.46 -10.39 -11.67
CA LEU B 500 -5.30 -11.70 -11.11
C LEU B 500 -6.56 -12.10 -10.32
N ILE B 501 -7.10 -11.19 -9.49
CA ILE B 501 -8.29 -11.51 -8.68
C ILE B 501 -9.45 -11.81 -9.61
N MET B 502 -9.55 -11.07 -10.72
CA MET B 502 -10.59 -11.38 -11.69
C MET B 502 -10.58 -12.86 -12.09
N PHE B 503 -9.44 -13.38 -12.42
CA PHE B 503 -9.34 -14.80 -12.75
C PHE B 503 -9.58 -15.75 -11.59
N LEU B 504 -8.97 -15.45 -10.45
CA LEU B 504 -9.10 -16.34 -9.32
C LEU B 504 -10.54 -16.41 -8.74
N ALA B 505 -11.23 -15.30 -8.77
CA ALA B 505 -12.61 -15.13 -8.29
C ALA B 505 -13.69 -15.32 -9.36
N ASP B 506 -13.30 -15.45 -10.62
CA ASP B 506 -14.20 -15.57 -11.75
C ASP B 506 -15.14 -14.37 -11.83
N LYS B 507 -14.53 -13.21 -12.09
CA LYS B 507 -15.23 -12.03 -12.48
C LYS B 507 -14.73 -11.49 -13.80
N ASN B 508 -15.63 -11.03 -14.65
CA ASN B 508 -15.17 -10.49 -15.95
C ASN B 508 -15.16 -8.97 -16.01
N ASN B 509 -15.43 -8.32 -14.87
CA ASN B 509 -15.43 -6.86 -14.77
C ASN B 509 -14.54 -6.50 -13.58
N ILE B 510 -13.53 -5.70 -13.83
CA ILE B 510 -12.64 -5.21 -12.76
C ILE B 510 -13.41 -4.46 -11.64
N LYS B 511 -14.57 -3.90 -11.94
CA LYS B 511 -15.35 -3.22 -10.91
C LYS B 511 -15.82 -4.23 -9.84
N GLU B 512 -15.85 -5.54 -10.12
CA GLU B 512 -16.20 -6.51 -9.14
C GLU B 512 -15.10 -6.79 -8.13
N VAL B 513 -13.84 -6.42 -8.42
CA VAL B 513 -12.73 -6.81 -7.56
C VAL B 513 -12.11 -5.61 -6.84
N ILE B 514 -12.67 -4.41 -7.11
CA ILE B 514 -12.24 -3.16 -6.48
C ILE B 514 -13.40 -2.64 -5.66
N LEU B 515 -13.22 -2.33 -4.39
CA LEU B 515 -14.36 -1.92 -3.58
C LEU B 515 -15.13 -0.71 -4.09
N PHE B 516 -14.42 0.33 -4.46
CA PHE B 516 -15.01 1.55 -4.92
C PHE B 516 -14.44 1.95 -6.28
N PRO B 517 -14.88 1.24 -7.34
CA PRO B 517 -14.29 1.51 -8.65
C PRO B 517 -14.72 2.86 -9.21
N ALA B 518 -13.94 3.45 -10.08
CA ALA B 518 -14.30 4.73 -10.71
C ALA B 518 -15.51 4.58 -11.62
N MET B 519 -16.45 5.52 -11.44
CA MET B 519 -17.74 5.49 -12.14
C MET B 519 -17.87 6.82 -12.91
N ARG B 520 -18.40 6.74 -14.13
CA ARG B 520 -18.84 7.93 -14.94
C ARG B 520 -19.78 8.84 -14.14
N ASN B 521 -19.69 10.16 -14.33
CA ASN B 521 -20.40 11.12 -13.46
C ASN B 521 -21.91 11.22 -13.75
#